data_4ANU
#
_entry.id   4ANU
#
_cell.length_a   145.252
_cell.length_b   68.529
_cell.length_c   106.856
_cell.angle_alpha   90.00
_cell.angle_beta   95.29
_cell.angle_gamma   90.00
#
_symmetry.space_group_name_H-M   'C 1 2 1'
#
loop_
_entity.id
_entity.type
_entity.pdbx_description
1 polymer 'PHOSPHATIDYLINOSITOL-4,5-BISPHOSPHATE 3-KINASE CATALYTIC SUBUNIT GAMMA ISOFORM'
2 non-polymer 'SULFATE ION'
3 non-polymer 3-AMINO-N-METHYL-6-[3-(1H-TETRAZOL-5-YL)PHENYL]PYRAZINE-2-CARBOXAMIDE
4 water water
#
_entity_poly.entity_id   1
_entity_poly.type   'polypeptide(L)'
_entity_poly.pdbx_seq_one_letter_code
;MLLGSSEESQAFQRQLTALIGYDVTDVSNVHDDELEFTRRGLVTPRMAEVASRDPKLYAMHPWVTSKPLPEYLWKKIANN
CIFIVIHRSTTSQTIKVSPDDTPGAILQSFFTKMAKKKSLMDIPESQSEQDFVLRVCGRDEYLVGETPIKNFQWVRHCLK
NGEEIHVVLDTPPDPALDEVRKEEWPLVDDCTGVTGYHEQLTIHGKDHESVFTVSLWDCDRKFRVKIRGIDIPVLPRNTD
LTVFVEANIQHGQQVLCQRRTSPKPFTEEVLWNVWLEFSIKIKDLPKGALLNLQIYCGKAPALSSKASAESPSSESKGKV
QLLYYVNLLLIDHRFLLRRGEYVLHMWQISGKGEDQGSFNADKLTSATNPDKENSMSISILLDNYCHPIALPKHQPTPDP
EGDRVRAEMPNQLRKQLEAIIATDPLNPLTAEDKELLWHFRYESLKHPKAYPKLFSSVKWGQQEIVAKTYQLLARREVWD
QSALDVGLTMQLLDCNFSDENVRAIAVQKLESLEDDDVLHYLLQLVQAVKFEPYHDSALARFLLKRGLRNKRIGHFLFWF
LRSEIAQSRHYQQRFAVILEAYLRGCGTAMLHDFTQQVQVIEMLQKVTLDIKSLSAEKYDVSSQVISQLKQKLENLQNSQ
LPESFRVPYDPGLKAGALAIEKCKVMASKKKPLWLEFKCADPTALSNETIGIIFKHGDDLRQDMLILQILRIMESIWETE
SLDLCLLPYGCISTGDKIGMIEIVKDATTIAKIQQSTVGNTGAFKDEVLNHWLKEKSPTEEKFQAAVERFVYSCAGYCVA
TFVLGIGDRHNDNIMITETGNLFHIDFGHILGNYKSFLGINKERVPFVLTPDFLFVMGTSGKKTSPHFQKFQDICVKAYL
ALRHHTNLLIILFSMMLMTGMPQLTSKEDIEYIRDALTVGKNEEDAKKYFLDQIEVCRDKGWTVQFNWFLHLVLGIKQGE
KHSAEFGLVPRGSGHHHHHH
;
_entity_poly.pdbx_strand_id   A
#
loop_
_chem_comp.id
_chem_comp.type
_chem_comp.name
_chem_comp.formula
EM7 non-polymer 3-AMINO-N-METHYL-6-[3-(1H-TETRAZOL-5-YL)PHENYL]PYRAZINE-2-CARBOXAMIDE 'C13 H12 N8 O'
SO4 non-polymer 'SULFATE ION' 'O4 S -2'
#
# COMPACT_ATOMS: atom_id res chain seq x y z
N SER A 5 -3.46 36.15 12.94
CA SER A 5 -4.32 34.97 13.26
C SER A 5 -5.74 35.43 13.58
N SER A 6 -6.64 34.48 13.82
CA SER A 6 -7.99 34.76 14.39
C SER A 6 -8.28 33.73 15.50
N GLU A 7 -9.54 33.55 15.90
CA GLU A 7 -9.89 32.54 16.94
C GLU A 7 -11.37 32.12 17.04
N GLU A 8 -12.01 31.45 16.05
CA GLU A 8 -11.61 31.20 14.63
C GLU A 8 -10.18 30.82 14.20
N SER A 9 -10.08 30.22 13.01
CA SER A 9 -8.81 29.95 12.31
C SER A 9 -7.89 29.00 13.08
N GLN A 10 -7.84 29.19 14.39
CA GLN A 10 -7.25 28.23 15.31
C GLN A 10 -8.29 27.13 15.59
N ALA A 11 -9.57 27.50 15.56
CA ALA A 11 -10.70 26.54 15.66
C ALA A 11 -10.70 25.63 14.43
N PHE A 12 -10.25 26.17 13.30
CA PHE A 12 -10.00 25.39 12.09
C PHE A 12 -8.88 24.41 12.41
N GLN A 13 -7.71 24.91 12.77
CA GLN A 13 -6.59 24.08 13.18
C GLN A 13 -7.00 23.03 14.20
N ARG A 14 -7.97 23.37 15.05
CA ARG A 14 -8.46 22.46 16.07
C ARG A 14 -9.12 21.25 15.39
N GLN A 15 -9.92 21.50 14.36
CA GLN A 15 -10.49 20.40 13.60
C GLN A 15 -9.43 19.71 12.72
N LEU A 16 -8.65 20.49 11.97
CA LEU A 16 -7.51 19.96 11.22
C LEU A 16 -6.74 18.91 12.06
N THR A 17 -6.51 19.22 13.33
CA THR A 17 -5.78 18.33 14.25
C THR A 17 -6.54 17.04 14.48
N ALA A 18 -7.84 17.17 14.69
CA ALA A 18 -8.69 16.04 15.01
C ALA A 18 -8.71 15.01 13.87
N LEU A 19 -8.61 15.53 12.65
CA LEU A 19 -8.54 14.71 11.45
C LEU A 19 -7.13 14.13 11.33
N ILE A 20 -6.12 14.99 11.33
CA ILE A 20 -4.77 14.50 11.22
C ILE A 20 -4.52 13.44 12.27
N GLY A 21 -4.87 13.77 13.51
CA GLY A 21 -4.50 12.94 14.68
C GLY A 21 -3.19 13.39 15.28
N TYR A 22 -2.78 14.63 14.96
CA TYR A 22 -1.47 15.16 15.40
C TYR A 22 -1.32 16.66 15.23
N ASP A 23 -0.52 17.23 16.13
CA ASP A 23 -0.29 18.67 16.26
C ASP A 23 0.86 19.17 15.37
N VAL A 24 0.54 19.86 14.27
CA VAL A 24 1.58 20.41 13.37
C VAL A 24 2.08 21.79 13.84
N THR A 25 1.35 22.40 14.79
CA THR A 25 1.79 23.65 15.40
C THR A 25 2.79 23.32 16.50
N ASP A 26 2.59 22.19 17.17
CA ASP A 26 3.50 21.79 18.25
C ASP A 26 4.94 21.58 17.75
N VAL A 27 5.90 22.05 18.55
CA VAL A 27 7.30 22.21 18.17
C VAL A 27 8.24 21.60 19.21
N SER A 28 7.74 20.70 20.04
CA SER A 28 8.53 20.22 21.15
C SER A 28 9.47 19.05 20.81
N ASN A 29 9.39 18.54 19.58
CA ASN A 29 10.28 17.45 19.14
C ASN A 29 10.94 17.81 17.82
N VAL A 30 11.72 18.87 17.86
CA VAL A 30 12.29 19.46 16.69
C VAL A 30 13.73 19.81 17.07
N HIS A 31 14.50 20.35 16.14
CA HIS A 31 15.76 21.04 16.42
C HIS A 31 16.17 21.95 15.26
N ASP A 32 15.20 22.28 14.41
CA ASP A 32 15.41 23.05 13.19
C ASP A 32 14.04 23.47 12.71
N ASP A 33 14.03 24.17 11.60
CA ASP A 33 12.88 24.89 11.07
C ASP A 33 11.99 24.07 10.09
N GLU A 34 12.48 22.91 9.65
CA GLU A 34 11.98 22.23 8.41
C GLU A 34 10.48 21.91 8.32
N LEU A 35 9.90 21.37 9.40
CA LEU A 35 8.50 20.97 9.34
C LEU A 35 7.62 22.18 9.01
N GLU A 36 7.83 23.28 9.75
CA GLU A 36 7.05 24.51 9.54
C GLU A 36 7.39 25.13 8.19
N PHE A 37 8.65 24.99 7.79
CA PHE A 37 9.05 25.50 6.50
C PHE A 37 8.39 24.70 5.38
N THR A 38 8.14 23.41 5.63
CA THR A 38 7.43 22.57 4.65
C THR A 38 5.93 22.91 4.65
N ARG A 39 5.38 23.17 5.83
CA ARG A 39 3.99 23.68 5.90
C ARG A 39 3.82 24.86 4.96
N ARG A 40 4.67 25.86 5.13
CA ARG A 40 4.62 27.07 4.28
C ARG A 40 4.97 26.72 2.85
N GLY A 41 6.01 25.91 2.65
CA GLY A 41 6.39 25.45 1.32
C GLY A 41 5.29 24.80 0.48
N LEU A 42 4.37 24.10 1.13
CA LEU A 42 3.39 23.31 0.42
C LEU A 42 2.15 24.11 0.01
N VAL A 43 2.15 25.41 0.30
CA VAL A 43 0.96 26.25 0.03
C VAL A 43 0.85 26.59 -1.45
N THR A 44 1.99 26.78 -2.10
CA THR A 44 1.98 27.19 -3.51
C THR A 44 1.47 26.10 -4.44
N PRO A 45 1.86 24.83 -4.20
CA PRO A 45 1.28 23.71 -4.95
C PRO A 45 -0.17 23.44 -4.55
N ARG A 46 -0.46 23.44 -3.26
CA ARG A 46 -1.85 23.30 -2.85
C ARG A 46 -2.68 24.24 -3.68
N MET A 47 -2.27 25.51 -3.72
CA MET A 47 -3.12 26.57 -4.23
C MET A 47 -3.17 26.68 -5.71
N ALA A 48 -2.08 26.31 -6.37
CA ALA A 48 -2.10 26.08 -7.81
C ALA A 48 -3.14 25.02 -8.20
N GLU A 49 -3.01 23.83 -7.64
CA GLU A 49 -3.86 22.71 -8.01
C GLU A 49 -5.31 23.03 -7.65
N VAL A 50 -5.54 23.56 -6.47
CA VAL A 50 -6.86 24.09 -6.15
C VAL A 50 -7.36 25.04 -7.27
N ALA A 51 -6.54 26.02 -7.66
CA ALA A 51 -6.88 26.93 -8.76
C ALA A 51 -7.23 26.29 -10.12
N SER A 52 -6.55 25.19 -10.50
CA SER A 52 -6.78 24.51 -11.78
C SER A 52 -8.00 23.57 -11.78
N ARG A 53 -8.63 23.41 -10.62
CA ARG A 53 -9.68 22.41 -10.40
C ARG A 53 -10.88 22.62 -11.33
N ASP A 54 -11.21 21.64 -12.19
CA ASP A 54 -12.48 21.68 -12.94
C ASP A 54 -13.58 21.41 -11.94
N PRO A 55 -14.38 22.44 -11.60
CA PRO A 55 -15.11 22.28 -10.34
C PRO A 55 -16.23 21.25 -10.43
N LYS A 56 -16.76 21.02 -11.63
CA LYS A 56 -17.90 20.12 -11.80
C LYS A 56 -17.46 18.66 -12.04
N LEU A 57 -16.28 18.45 -12.63
CA LEU A 57 -15.71 17.11 -12.65
C LEU A 57 -15.11 16.74 -11.28
N TYR A 58 -14.87 17.73 -10.42
CA TYR A 58 -14.28 17.46 -9.11
C TYR A 58 -15.30 17.03 -8.07
N ALA A 59 -16.48 17.58 -8.14
CA ALA A 59 -17.55 17.19 -7.23
C ALA A 59 -18.06 15.80 -7.56
N MET A 60 -17.82 15.34 -8.78
CA MET A 60 -18.40 14.09 -9.24
C MET A 60 -17.36 13.02 -9.62
N HIS A 61 -16.08 13.29 -9.33
CA HIS A 61 -14.97 12.34 -9.50
C HIS A 61 -15.14 11.11 -10.43
N PRO A 62 -15.52 11.34 -11.70
CA PRO A 62 -15.71 10.17 -12.56
C PRO A 62 -14.57 9.19 -12.41
N TRP A 63 -14.86 7.96 -12.02
CA TRP A 63 -13.83 6.95 -11.93
C TRP A 63 -13.81 6.22 -13.24
N VAL A 64 -12.86 6.61 -14.10
CA VAL A 64 -12.81 6.13 -15.48
C VAL A 64 -11.45 5.52 -15.79
N THR A 65 -11.21 5.09 -17.03
CA THR A 65 -9.91 4.52 -17.44
C THR A 65 -9.66 4.53 -18.98
N SER A 66 -8.41 4.71 -19.39
CA SER A 66 -8.05 4.71 -20.80
C SER A 66 -7.61 3.33 -21.27
N LYS A 67 -7.49 2.41 -20.34
CA LYS A 67 -7.09 1.07 -20.70
C LYS A 67 -8.16 0.52 -21.65
N PRO A 68 -7.77 -0.30 -22.62
CA PRO A 68 -8.76 -0.99 -23.42
C PRO A 68 -9.67 -1.87 -22.59
N LEU A 69 -10.84 -2.18 -23.13
CA LEU A 69 -11.74 -3.15 -22.56
C LEU A 69 -11.16 -4.56 -22.76
N PRO A 70 -11.01 -5.35 -21.69
CA PRO A 70 -10.38 -6.65 -21.91
C PRO A 70 -11.24 -7.53 -22.78
N GLU A 71 -10.61 -8.50 -23.44
CA GLU A 71 -11.32 -9.42 -24.33
C GLU A 71 -12.46 -10.20 -23.66
N TYR A 72 -12.50 -10.22 -22.33
CA TYR A 72 -13.15 -11.33 -21.67
C TYR A 72 -14.61 -11.35 -21.14
N LEU A 73 -15.40 -10.29 -20.90
CA LEU A 73 -15.23 -8.81 -20.98
C LEU A 73 -15.70 -8.10 -22.29
N TRP A 74 -15.12 -8.40 -23.45
CA TRP A 74 -15.81 -8.10 -24.72
C TRP A 74 -16.85 -9.20 -24.92
N LYS A 75 -16.39 -10.45 -24.83
CA LYS A 75 -17.28 -11.61 -24.92
C LYS A 75 -18.27 -11.68 -23.74
N LYS A 76 -18.78 -10.52 -23.32
CA LYS A 76 -20.03 -10.44 -22.59
C LYS A 76 -20.93 -9.39 -23.23
N ILE A 77 -20.57 -8.89 -24.42
CA ILE A 77 -21.37 -7.86 -25.07
C ILE A 77 -22.16 -8.43 -26.23
N ALA A 78 -23.39 -7.92 -26.41
CA ALA A 78 -24.30 -8.34 -27.47
C ALA A 78 -23.73 -8.03 -28.86
N ASN A 79 -24.37 -7.10 -29.58
CA ASN A 79 -23.87 -6.67 -30.88
C ASN A 79 -23.54 -5.19 -30.76
N ASN A 80 -22.48 -4.92 -30.00
CA ASN A 80 -22.21 -3.59 -29.44
C ASN A 80 -23.50 -3.00 -28.84
N CYS A 81 -24.16 -3.83 -28.01
CA CYS A 81 -25.26 -3.38 -27.17
C CYS A 81 -24.91 -3.59 -25.69
N ILE A 82 -25.24 -2.60 -24.87
CA ILE A 82 -25.09 -2.66 -23.42
C ILE A 82 -26.34 -2.08 -22.75
N PHE A 83 -26.92 -2.87 -21.84
CA PHE A 83 -28.18 -2.52 -21.19
C PHE A 83 -27.96 -1.75 -19.90
N ILE A 84 -28.68 -0.63 -19.80
CA ILE A 84 -28.53 0.39 -18.77
C ILE A 84 -29.92 0.83 -18.31
N VAL A 85 -30.17 0.83 -17.00
CA VAL A 85 -31.55 0.97 -16.51
C VAL A 85 -31.77 2.22 -15.68
N ILE A 86 -32.30 3.28 -16.29
CA ILE A 86 -32.51 4.55 -15.59
C ILE A 86 -33.74 4.57 -14.71
N HIS A 87 -33.58 5.03 -13.47
CA HIS A 87 -34.67 5.07 -12.48
C HIS A 87 -35.09 6.50 -12.13
N ARG A 88 -36.36 6.67 -11.73
CA ARG A 88 -36.84 7.92 -11.14
C ARG A 88 -37.97 7.72 -10.11
N SER A 89 -37.56 7.59 -8.84
CA SER A 89 -38.45 7.57 -7.69
C SER A 89 -39.17 6.19 -7.56
N THR A 90 -40.35 6.08 -8.13
CA THR A 90 -41.05 4.79 -8.29
C THR A 90 -41.27 4.60 -9.81
N THR A 91 -40.20 4.74 -10.59
CA THR A 91 -40.24 4.53 -12.05
C THR A 91 -38.89 3.95 -12.54
N SER A 92 -38.86 3.39 -13.76
CA SER A 92 -37.60 2.88 -14.39
C SER A 92 -37.78 2.18 -15.76
N GLN A 93 -37.46 2.87 -16.85
CA GLN A 93 -37.39 2.24 -18.19
C GLN A 93 -35.92 1.96 -18.55
N THR A 94 -35.66 0.79 -19.11
CA THR A 94 -34.35 0.42 -19.65
C THR A 94 -34.02 1.19 -20.93
N ILE A 95 -32.72 1.31 -21.26
CA ILE A 95 -32.25 1.85 -22.56
C ILE A 95 -31.01 1.12 -23.01
N LYS A 96 -31.10 0.39 -24.12
CA LYS A 96 -29.93 -0.29 -24.71
C LYS A 96 -29.00 0.80 -25.27
N VAL A 97 -27.70 0.53 -25.30
CA VAL A 97 -26.68 1.54 -25.62
C VAL A 97 -25.45 0.88 -26.23
N SER A 98 -24.59 1.66 -26.90
CA SER A 98 -23.32 1.13 -27.44
C SER A 98 -22.13 1.36 -26.47
N PRO A 99 -21.20 0.39 -26.40
CA PRO A 99 -20.04 0.55 -25.49
C PRO A 99 -19.27 1.83 -25.72
N ASP A 100 -19.21 2.28 -26.97
CA ASP A 100 -18.32 3.37 -27.34
C ASP A 100 -19.03 4.70 -27.35
N ASP A 101 -20.09 4.89 -26.56
CA ASP A 101 -20.73 6.21 -26.53
C ASP A 101 -20.72 6.85 -25.13
N THR A 102 -21.11 8.13 -25.06
CA THR A 102 -20.87 8.98 -23.89
C THR A 102 -22.10 9.11 -22.99
N PRO A 103 -21.90 9.31 -21.67
CA PRO A 103 -22.98 9.76 -20.79
C PRO A 103 -23.56 11.15 -21.10
N GLY A 104 -22.80 11.99 -21.80
CA GLY A 104 -23.34 13.22 -22.37
C GLY A 104 -24.34 12.87 -23.47
N ALA A 105 -24.00 11.88 -24.29
CA ALA A 105 -24.81 11.45 -25.44
C ALA A 105 -25.65 10.21 -25.17
N ILE A 106 -26.23 10.12 -23.97
CA ILE A 106 -27.08 9.00 -23.58
C ILE A 106 -28.36 9.50 -22.92
N LEU A 107 -28.21 10.42 -21.98
CA LEU A 107 -29.35 11.13 -21.39
C LEU A 107 -30.29 11.70 -22.47
N GLN A 108 -29.72 12.27 -23.54
CA GLN A 108 -30.53 12.77 -24.65
C GLN A 108 -31.23 11.61 -25.38
N SER A 109 -30.58 10.44 -25.46
CA SER A 109 -31.18 9.23 -26.03
C SER A 109 -32.28 8.66 -25.12
N PHE A 110 -32.23 9.02 -23.84
CA PHE A 110 -33.33 8.77 -22.91
C PHE A 110 -34.46 9.78 -23.19
N PHE A 111 -34.16 11.08 -22.99
CA PHE A 111 -35.13 12.18 -23.22
C PHE A 111 -35.98 12.00 -24.49
N THR A 112 -35.33 11.62 -25.60
CA THR A 112 -36.01 11.27 -26.87
C THR A 112 -36.89 10.02 -26.76
N LYS A 113 -36.26 8.89 -26.44
CA LYS A 113 -36.90 7.57 -26.48
C LYS A 113 -37.97 7.40 -25.39
N MET A 114 -39.15 7.96 -25.64
CA MET A 114 -40.31 7.81 -24.74
C MET A 114 -41.23 6.71 -25.28
N GLU A 129 -34.42 20.41 -19.81
CA GLU A 129 -33.30 21.12 -19.20
C GLU A 129 -32.16 20.18 -18.77
N GLN A 130 -30.93 20.52 -19.19
CA GLN A 130 -29.77 19.63 -19.06
C GLN A 130 -29.04 19.76 -17.71
N ASP A 131 -29.82 19.75 -16.63
CA ASP A 131 -29.28 19.90 -15.27
C ASP A 131 -29.47 18.55 -14.54
N PHE A 132 -29.12 17.45 -15.24
CA PHE A 132 -29.23 16.09 -14.71
C PHE A 132 -27.91 15.32 -14.89
N VAL A 133 -27.81 14.12 -14.31
CA VAL A 133 -26.61 13.28 -14.44
C VAL A 133 -26.82 11.83 -14.07
N LEU A 134 -26.44 10.91 -14.95
CA LEU A 134 -26.48 9.49 -14.61
C LEU A 134 -25.59 9.17 -13.41
N ARG A 135 -26.24 8.81 -12.30
CA ARG A 135 -25.55 8.45 -11.06
C ARG A 135 -25.78 6.96 -10.68
N VAL A 136 -24.76 6.25 -10.21
CA VAL A 136 -24.93 4.81 -9.93
C VAL A 136 -25.83 4.59 -8.70
N CYS A 137 -26.65 3.55 -8.80
CA CYS A 137 -27.66 3.30 -7.80
C CYS A 137 -27.05 2.73 -6.55
N GLY A 138 -27.32 3.43 -5.44
CA GLY A 138 -26.76 3.07 -4.15
C GLY A 138 -25.55 3.92 -3.81
N ARG A 139 -24.69 4.14 -4.79
CA ARG A 139 -23.42 4.82 -4.57
C ARG A 139 -23.48 6.31 -4.83
N ASP A 140 -22.49 7.02 -4.31
CA ASP A 140 -22.16 8.35 -4.77
C ASP A 140 -21.17 8.06 -5.84
N GLU A 141 -21.65 7.94 -7.06
CA GLU A 141 -20.81 7.54 -8.16
C GLU A 141 -21.57 7.85 -9.40
N TYR A 142 -20.84 8.27 -10.43
CA TYR A 142 -21.42 9.04 -11.48
C TYR A 142 -20.83 8.66 -12.80
N LEU A 143 -21.72 8.21 -13.69
CA LEU A 143 -21.42 8.13 -15.10
C LEU A 143 -21.60 9.55 -15.66
N VAL A 144 -20.59 10.41 -15.50
CA VAL A 144 -20.58 11.77 -16.10
C VAL A 144 -19.27 12.02 -16.85
N GLY A 145 -19.25 13.06 -17.69
CA GLY A 145 -18.04 13.47 -18.43
C GLY A 145 -17.87 12.75 -19.77
N GLU A 146 -16.94 13.23 -20.57
CA GLU A 146 -16.81 12.76 -21.96
C GLU A 146 -15.96 11.48 -22.08
N THR A 147 -16.48 10.39 -21.53
CA THR A 147 -15.84 9.07 -21.70
C THR A 147 -16.84 8.07 -22.32
N PRO A 148 -16.37 7.16 -23.17
CA PRO A 148 -17.27 6.04 -23.50
C PRO A 148 -17.69 5.25 -22.24
N ILE A 149 -18.99 4.97 -22.09
CA ILE A 149 -19.48 4.33 -20.86
C ILE A 149 -18.78 3.01 -20.54
N LYS A 150 -18.20 2.37 -21.56
CA LYS A 150 -17.40 1.16 -21.35
C LYS A 150 -16.10 1.42 -20.57
N ASN A 151 -15.71 2.70 -20.47
CA ASN A 151 -14.46 3.08 -19.80
C ASN A 151 -14.65 3.59 -18.36
N PHE A 152 -15.90 3.53 -17.87
CA PHE A 152 -16.17 3.81 -16.47
C PHE A 152 -16.00 2.49 -15.70
N GLN A 153 -15.48 2.59 -14.48
CA GLN A 153 -15.04 1.39 -13.78
C GLN A 153 -16.21 0.61 -13.21
N TRP A 154 -17.28 1.29 -12.82
CA TRP A 154 -18.47 0.56 -12.41
C TRP A 154 -18.94 -0.25 -13.61
N VAL A 155 -19.02 0.39 -14.77
CA VAL A 155 -19.51 -0.28 -15.97
C VAL A 155 -18.66 -1.49 -16.34
N ARG A 156 -17.38 -1.41 -16.05
CA ARG A 156 -16.52 -2.57 -16.15
C ARG A 156 -16.80 -3.58 -15.02
N HIS A 157 -17.15 -3.07 -13.83
CA HIS A 157 -17.45 -3.91 -12.66
C HIS A 157 -18.65 -4.78 -12.93
N CYS A 158 -19.75 -4.11 -13.28
CA CYS A 158 -21.02 -4.75 -13.60
C CYS A 158 -20.88 -5.88 -14.62
N LEU A 159 -20.13 -5.64 -15.68
CA LEU A 159 -19.95 -6.66 -16.72
C LEU A 159 -19.27 -7.92 -16.15
N LYS A 160 -18.02 -7.80 -15.73
CA LYS A 160 -17.27 -8.91 -15.12
C LYS A 160 -18.13 -9.70 -14.12
N ASN A 161 -18.73 -9.01 -13.15
CA ASN A 161 -19.48 -9.68 -12.09
C ASN A 161 -20.93 -9.97 -12.52
N GLY A 162 -21.08 -10.52 -13.74
CA GLY A 162 -22.37 -10.80 -14.37
C GLY A 162 -23.53 -9.98 -13.84
N GLU A 163 -23.38 -8.66 -13.86
CA GLU A 163 -24.24 -7.76 -13.07
C GLU A 163 -24.95 -6.73 -13.94
N GLU A 164 -26.05 -6.20 -13.40
CA GLU A 164 -26.89 -5.24 -14.11
C GLU A 164 -26.55 -3.79 -13.75
N ILE A 165 -26.60 -2.93 -14.76
CA ILE A 165 -26.13 -1.56 -14.63
C ILE A 165 -27.28 -0.63 -14.27
N HIS A 166 -27.31 -0.13 -13.05
CA HIS A 166 -28.46 0.62 -12.56
C HIS A 166 -28.10 2.01 -12.10
N VAL A 167 -28.77 3.00 -12.67
CA VAL A 167 -28.41 4.38 -12.43
C VAL A 167 -29.65 5.20 -12.15
N VAL A 168 -29.57 6.16 -11.22
CA VAL A 168 -30.68 7.08 -10.96
C VAL A 168 -30.40 8.47 -11.55
N LEU A 169 -31.31 8.93 -12.40
CA LEU A 169 -31.28 10.30 -12.89
C LEU A 169 -31.63 11.28 -11.75
N ASP A 170 -30.69 12.17 -11.44
CA ASP A 170 -30.97 13.32 -10.61
C ASP A 170 -29.94 14.44 -10.85
N THR A 171 -29.94 15.41 -9.95
CA THR A 171 -29.22 16.65 -10.11
C THR A 171 -27.74 16.48 -9.82
N PRO A 172 -26.90 17.16 -10.61
CA PRO A 172 -25.53 17.38 -10.20
C PRO A 172 -25.46 17.98 -8.78
N PRO A 173 -24.62 17.42 -7.88
CA PRO A 173 -24.37 18.13 -6.64
C PRO A 173 -23.68 19.47 -6.84
N ASP A 174 -23.86 20.36 -5.87
CA ASP A 174 -23.42 21.74 -5.98
C ASP A 174 -21.91 21.76 -5.81
N PRO A 175 -21.17 22.25 -6.83
CA PRO A 175 -19.76 22.53 -6.64
C PRO A 175 -19.48 23.49 -5.48
N ALA A 176 -20.41 24.41 -5.21
CA ALA A 176 -20.27 25.34 -4.09
C ALA A 176 -20.02 24.60 -2.77
N LEU A 177 -20.64 23.41 -2.61
CA LEU A 177 -20.44 22.58 -1.42
C LEU A 177 -18.96 22.27 -1.22
N ASP A 178 -18.25 22.04 -2.33
CA ASP A 178 -16.81 21.72 -2.38
C ASP A 178 -15.88 22.94 -2.38
N GLU A 179 -16.28 24.03 -1.73
CA GLU A 179 -15.46 25.23 -1.65
C GLU A 179 -14.31 25.00 -0.69
N VAL A 180 -13.22 25.73 -0.92
CA VAL A 180 -12.06 25.75 -0.02
C VAL A 180 -12.01 27.10 0.68
N ARG A 181 -11.71 27.13 1.98
CA ARG A 181 -11.63 28.40 2.72
C ARG A 181 -10.29 29.10 2.44
N LYS A 182 -10.25 30.44 2.58
CA LYS A 182 -9.05 31.21 2.21
C LYS A 182 -8.03 31.33 3.35
N GLU A 183 -6.73 31.35 2.98
CA GLU A 183 -5.61 31.14 3.91
C GLU A 183 -4.94 32.44 4.32
N CYS A 219 35.62 24.60 1.14
CA CYS A 219 36.34 24.57 2.41
C CYS A 219 37.01 23.20 2.59
N ASP A 220 38.30 23.17 2.34
CA ASP A 220 39.00 21.88 2.18
C ASP A 220 39.31 21.10 3.47
N ARG A 221 38.89 21.61 4.62
CA ARG A 221 39.10 20.85 5.85
C ARG A 221 38.16 19.64 5.82
N LYS A 222 38.58 18.56 6.47
CA LYS A 222 37.74 17.34 6.61
C LYS A 222 36.61 17.54 7.62
N PHE A 223 35.46 16.91 7.37
CA PHE A 223 34.35 16.95 8.31
C PHE A 223 34.78 16.33 9.64
N ARG A 224 34.30 16.91 10.74
CA ARG A 224 34.49 16.32 12.08
C ARG A 224 33.37 16.73 13.00
N VAL A 225 32.99 15.76 13.82
CA VAL A 225 31.91 15.92 14.78
C VAL A 225 32.54 15.59 16.10
N LYS A 226 32.19 16.34 17.15
CA LYS A 226 32.58 15.97 18.51
C LYS A 226 31.51 15.07 19.09
N ILE A 227 31.93 14.07 19.86
CA ILE A 227 30.99 13.20 20.59
C ILE A 227 31.20 13.40 22.10
N ARG A 228 30.39 14.29 22.68
CA ARG A 228 30.47 14.64 24.11
C ARG A 228 30.24 13.45 25.01
N GLY A 229 29.07 12.81 24.86
CA GLY A 229 28.72 11.60 25.61
C GLY A 229 27.28 11.19 25.39
N ILE A 230 26.91 10.03 25.92
CA ILE A 230 25.50 9.54 25.87
C ILE A 230 24.85 9.42 27.25
N ASP A 231 23.58 9.83 27.37
CA ASP A 231 22.86 9.77 28.64
C ASP A 231 21.62 8.88 28.54
N ILE A 232 21.30 8.21 29.65
CA ILE A 232 20.16 7.31 29.73
C ILE A 232 19.71 7.19 31.20
N PRO A 233 18.45 7.56 31.51
CA PRO A 233 17.96 7.48 32.88
C PRO A 233 18.15 6.11 33.54
N VAL A 234 17.70 5.02 32.91
CA VAL A 234 18.02 3.68 33.43
C VAL A 234 18.64 2.76 32.40
N LEU A 235 19.70 2.08 32.82
CA LEU A 235 20.20 0.94 32.08
C LEU A 235 19.24 -0.23 32.32
N PRO A 236 19.20 -0.77 33.58
CA PRO A 236 18.81 -2.15 33.86
C PRO A 236 18.19 -2.94 32.70
N ARG A 237 18.95 -3.01 31.60
CA ARG A 237 18.69 -3.93 30.48
C ARG A 237 19.07 -5.33 30.97
N ASN A 238 20.32 -5.43 31.44
CA ASN A 238 20.87 -6.58 32.12
C ASN A 238 21.71 -5.96 33.25
N THR A 239 22.92 -6.46 33.52
CA THR A 239 23.84 -5.79 34.46
C THR A 239 24.64 -4.69 33.72
N ASP A 240 25.77 -5.04 33.11
CA ASP A 240 26.60 -4.07 32.36
C ASP A 240 27.15 -4.71 31.06
N LEU A 241 27.75 -3.88 30.21
CA LEU A 241 28.69 -4.32 29.16
C LEU A 241 29.50 -3.07 28.77
N THR A 242 30.13 -3.07 27.59
CA THR A 242 30.91 -1.90 27.08
C THR A 242 30.28 -1.34 25.80
N VAL A 243 30.45 -0.05 25.54
CA VAL A 243 29.77 0.59 24.41
C VAL A 243 30.56 1.71 23.70
N PHE A 244 30.40 1.80 22.38
CA PHE A 244 31.04 2.85 21.57
C PHE A 244 30.11 3.46 20.51
N VAL A 245 30.04 4.78 20.45
CA VAL A 245 29.32 5.46 19.38
C VAL A 245 29.98 5.20 18.03
N GLU A 246 29.16 5.04 16.99
CA GLU A 246 29.65 4.87 15.61
C GLU A 246 29.09 5.96 14.70
N ALA A 247 29.99 6.81 14.21
CA ALA A 247 29.62 7.91 13.33
C ALA A 247 29.84 7.54 11.86
N ASN A 248 28.74 7.31 11.13
CA ASN A 248 28.72 7.04 9.70
C ASN A 248 28.17 8.23 8.93
N ILE A 249 28.89 8.75 7.95
CA ILE A 249 28.27 9.66 6.99
C ILE A 249 27.63 8.83 5.85
N GLN A 250 26.39 9.13 5.51
CA GLN A 250 25.57 8.19 4.77
C GLN A 250 24.69 8.86 3.72
N HIS A 251 24.83 8.40 2.48
CA HIS A 251 23.95 8.81 1.37
C HIS A 251 22.90 7.73 1.18
N GLY A 252 22.83 7.06 0.03
CA GLY A 252 21.71 6.14 -0.23
C GLY A 252 21.84 4.80 0.47
N GLN A 253 21.84 4.81 1.81
CA GLN A 253 22.33 3.66 2.57
C GLN A 253 23.71 3.20 2.08
N GLN A 254 24.35 4.06 1.30
CA GLN A 254 25.75 3.92 0.96
C GLN A 254 26.48 4.65 2.07
N VAL A 255 27.37 3.93 2.74
CA VAL A 255 28.22 4.49 3.78
C VAL A 255 29.44 5.14 3.12
N LEU A 256 29.57 6.44 3.25
CA LEU A 256 30.66 7.14 2.60
C LEU A 256 31.94 7.06 3.43
N CYS A 257 31.91 7.59 4.63
CA CYS A 257 33.04 7.48 5.55
C CYS A 257 32.50 7.12 6.92
N GLN A 258 33.28 6.36 7.68
CA GLN A 258 32.88 5.95 9.01
C GLN A 258 34.03 6.10 10.03
N ARG A 259 33.71 6.65 11.21
CA ARG A 259 34.64 6.60 12.33
C ARG A 259 33.90 6.05 13.55
N ARG A 260 34.64 5.87 14.63
CA ARG A 260 34.03 5.51 15.91
C ARG A 260 34.86 5.95 17.11
N THR A 261 34.23 5.94 18.28
CA THR A 261 34.93 6.23 19.53
C THR A 261 35.66 5.01 20.06
N SER A 262 36.63 5.30 20.91
CA SER A 262 37.26 4.28 21.72
C SER A 262 36.18 3.73 22.64
N PRO A 263 36.14 2.41 22.86
CA PRO A 263 35.10 1.89 23.75
C PRO A 263 35.21 2.40 25.23
N LYS A 264 34.13 2.22 26.00
CA LYS A 264 34.05 2.65 27.41
C LYS A 264 32.93 1.90 28.13
N PRO A 265 32.91 1.94 29.47
CA PRO A 265 31.95 1.12 30.25
C PRO A 265 30.49 1.63 30.24
N PHE A 266 29.55 0.73 29.95
CA PHE A 266 28.12 1.09 29.81
C PHE A 266 27.47 1.54 31.14
N THR A 267 27.69 2.82 31.47
CA THR A 267 27.01 3.43 32.62
C THR A 267 25.76 4.21 32.17
N GLU A 268 24.97 4.67 33.15
CA GLU A 268 23.86 5.62 32.94
C GLU A 268 24.29 6.86 32.13
N GLU A 269 25.55 7.26 32.27
CA GLU A 269 26.11 8.37 31.53
C GLU A 269 27.57 8.07 31.14
N VAL A 270 27.92 8.23 29.85
CA VAL A 270 29.32 8.04 29.39
C VAL A 270 29.86 9.21 28.53
N LEU A 271 30.83 9.96 29.05
CA LEU A 271 31.45 11.08 28.33
C LEU A 271 32.70 10.59 27.57
N TRP A 272 33.22 11.38 26.62
CA TRP A 272 34.23 10.83 25.70
C TRP A 272 35.63 11.41 25.60
N ASN A 273 35.87 12.66 25.21
CA ASN A 273 34.94 13.71 24.85
C ASN A 273 35.53 14.14 23.52
N VAL A 274 35.62 13.16 22.61
CA VAL A 274 36.61 13.13 21.52
C VAL A 274 36.18 13.89 20.24
N TRP A 275 37.13 14.21 19.37
CA TRP A 275 36.80 14.61 17.97
C TRP A 275 37.09 13.42 17.06
N LEU A 276 36.13 13.16 16.16
CA LEU A 276 36.20 12.08 15.19
C LEU A 276 36.30 12.73 13.82
N GLU A 277 37.50 12.73 13.26
CA GLU A 277 37.77 13.33 11.95
C GLU A 277 37.61 12.27 10.88
N PHE A 278 37.05 12.66 9.74
CA PHE A 278 36.75 11.73 8.67
C PHE A 278 37.70 12.00 7.54
N SER A 279 37.69 11.08 6.57
CA SER A 279 38.34 11.29 5.28
C SER A 279 37.71 12.47 4.57
N ILE A 280 36.39 12.41 4.40
CA ILE A 280 35.68 13.36 3.54
C ILE A 280 35.89 14.84 3.91
N LYS A 281 36.05 15.68 2.87
CA LYS A 281 36.12 17.16 2.99
C LYS A 281 34.73 17.74 3.06
N ILE A 282 34.63 19.01 3.43
CA ILE A 282 33.32 19.66 3.57
C ILE A 282 32.69 19.93 2.23
N LYS A 283 33.47 20.50 1.31
CA LYS A 283 32.97 20.81 -0.04
C LYS A 283 32.45 19.58 -0.79
N ASP A 284 32.87 18.39 -0.35
CA ASP A 284 32.42 17.11 -0.91
C ASP A 284 31.17 16.43 -0.29
N LEU A 285 30.68 16.91 0.87
CA LEU A 285 29.45 16.33 1.47
C LEU A 285 28.28 16.55 0.54
N PRO A 286 27.66 15.45 0.10
CA PRO A 286 26.54 15.61 -0.81
C PRO A 286 25.33 16.17 -0.13
N LYS A 287 24.50 16.92 -0.83
CA LYS A 287 23.20 17.25 -0.28
C LYS A 287 22.43 15.95 -0.05
N GLY A 288 21.83 15.77 1.12
CA GLY A 288 21.17 14.52 1.48
C GLY A 288 21.98 13.64 2.44
N ALA A 289 23.27 13.91 2.54
CA ALA A 289 24.11 13.27 3.52
C ALA A 289 23.43 13.41 4.89
N LEU A 290 23.21 12.24 5.51
CA LEU A 290 22.79 12.07 6.89
C LEU A 290 24.03 11.81 7.69
N LEU A 291 24.16 12.43 8.87
CA LEU A 291 25.06 11.87 9.88
C LEU A 291 24.32 10.78 10.65
N ASN A 292 24.83 9.57 10.60
CA ASN A 292 24.19 8.45 11.24
C ASN A 292 24.98 8.07 12.47
N LEU A 293 24.44 8.41 13.64
CA LEU A 293 25.10 8.12 14.92
C LEU A 293 24.48 6.86 15.51
N GLN A 294 25.32 5.90 15.87
CA GLN A 294 24.86 4.62 16.36
C GLN A 294 25.60 4.18 17.61
N ILE A 295 24.92 3.45 18.49
CA ILE A 295 25.50 2.92 19.72
C ILE A 295 25.50 1.38 19.71
N TYR A 296 26.70 0.83 19.83
CA TYR A 296 26.91 -0.62 19.95
C TYR A 296 27.41 -1.00 21.36
N CYS A 297 27.30 -2.29 21.72
CA CYS A 297 27.85 -2.83 22.99
C CYS A 297 28.94 -3.90 22.77
N GLN A 321 24.02 -6.28 19.28
CA GLN A 321 25.12 -5.34 19.49
C GLN A 321 24.74 -3.88 19.16
N LEU A 322 23.82 -3.68 18.21
CA LEU A 322 23.22 -2.34 17.97
C LEU A 322 21.93 -2.24 18.78
N LEU A 323 21.73 -1.09 19.42
CA LEU A 323 20.58 -0.89 20.34
C LEU A 323 19.89 0.46 20.25
N TYR A 324 20.61 1.48 19.76
CA TYR A 324 20.06 2.83 19.54
C TYR A 324 20.69 3.42 18.28
N TYR A 325 19.91 4.26 17.58
CA TYR A 325 20.41 5.01 16.43
C TYR A 325 19.73 6.39 16.35
N VAL A 326 20.40 7.38 15.79
CA VAL A 326 19.70 8.62 15.40
C VAL A 326 20.39 9.27 14.22
N ASN A 327 19.63 10.04 13.45
CA ASN A 327 20.19 10.71 12.27
C ASN A 327 19.94 12.19 12.29
N LEU A 328 20.96 12.89 11.86
CA LEU A 328 20.95 14.33 11.72
C LEU A 328 21.40 14.52 10.31
N LEU A 329 20.51 15.07 9.48
CA LEU A 329 20.91 15.58 8.18
C LEU A 329 22.11 16.50 8.39
N LEU A 330 23.15 16.38 7.57
CA LEU A 330 24.27 17.28 7.64
C LEU A 330 23.91 18.61 6.95
N ILE A 331 23.65 18.59 5.65
CA ILE A 331 23.13 19.80 4.97
C ILE A 331 21.60 19.87 5.14
N ASP A 332 21.13 21.05 5.52
CA ASP A 332 19.74 21.24 5.91
C ASP A 332 18.94 21.73 4.71
N HIS A 333 17.71 22.14 4.96
CA HIS A 333 16.76 22.38 3.89
C HIS A 333 16.95 23.76 3.27
N ARG A 334 17.89 24.52 3.82
CA ARG A 334 18.37 25.74 3.18
C ARG A 334 19.76 25.57 2.61
N PHE A 335 20.11 24.37 2.13
CA PHE A 335 21.45 24.12 1.60
C PHE A 335 22.51 24.72 2.51
N LEU A 336 22.33 24.58 3.84
CA LEU A 336 23.29 25.13 4.81
C LEU A 336 23.86 24.02 5.69
N LEU A 337 25.15 24.08 5.98
CA LEU A 337 25.81 23.02 6.74
C LEU A 337 25.31 23.04 8.19
N ARG A 338 24.96 21.88 8.71
CA ARG A 338 24.53 21.78 10.12
C ARG A 338 25.71 22.25 11.01
N ARG A 339 25.44 23.10 12.01
CA ARG A 339 26.48 23.58 12.92
C ARG A 339 26.01 23.63 14.37
N GLY A 340 26.93 23.33 15.29
CA GLY A 340 26.68 23.61 16.69
C GLY A 340 26.22 22.46 17.53
N GLU A 341 25.55 22.80 18.65
CA GLU A 341 25.28 21.89 19.74
C GLU A 341 23.98 21.12 19.53
N TYR A 342 24.03 19.80 19.64
CA TYR A 342 22.83 19.00 19.53
C TYR A 342 22.80 17.98 20.61
N VAL A 343 21.61 17.81 21.18
CA VAL A 343 21.32 16.69 22.07
C VAL A 343 20.15 15.93 21.45
N LEU A 344 20.46 14.72 20.96
CA LEU A 344 19.61 13.98 20.05
C LEU A 344 19.02 12.77 20.69
N HIS A 345 17.70 12.74 20.81
CA HIS A 345 17.05 11.57 21.38
C HIS A 345 16.89 10.47 20.34
N MET A 346 17.35 9.28 20.73
CA MET A 346 17.59 8.17 19.83
C MET A 346 16.43 7.21 19.86
N TRP A 347 16.51 6.19 19.00
CA TRP A 347 15.50 5.13 18.89
C TRP A 347 16.13 3.86 19.40
N GLN A 348 15.32 2.82 19.53
CA GLN A 348 15.73 1.56 20.17
C GLN A 348 15.44 0.32 19.30
N ILE A 349 16.41 -0.58 19.24
CA ILE A 349 16.26 -1.81 18.49
C ILE A 349 15.71 -2.92 19.38
N SER A 350 14.69 -3.62 18.85
CA SER A 350 13.81 -4.44 19.67
C SER A 350 13.28 -5.69 18.94
N GLY A 351 13.73 -6.88 19.38
CA GLY A 351 13.27 -8.17 18.82
C GLY A 351 13.47 -9.37 19.75
N PHE A 359 18.76 -2.05 6.96
CA PHE A 359 17.85 -2.94 6.24
C PHE A 359 16.37 -2.58 6.42
N ASN A 360 16.06 -1.44 7.04
CA ASN A 360 14.67 -1.02 7.31
C ASN A 360 14.46 0.50 7.28
N ALA A 361 13.34 0.91 6.68
CA ALA A 361 13.02 2.33 6.45
C ALA A 361 13.12 3.19 7.70
N ASP A 362 12.80 2.62 8.85
CA ASP A 362 12.87 3.41 10.09
C ASP A 362 14.28 3.96 10.39
N LYS A 363 15.31 3.20 10.08
CA LYS A 363 16.64 3.68 10.33
C LYS A 363 17.04 4.96 9.56
N LEU A 364 16.29 5.34 8.54
CA LEU A 364 16.71 6.49 7.74
C LEU A 364 16.23 7.85 8.27
N THR A 365 15.44 7.84 9.36
CA THR A 365 14.64 8.99 9.73
C THR A 365 15.44 10.20 10.22
N SER A 366 14.91 11.38 9.96
CA SER A 366 15.49 12.63 10.47
C SER A 366 14.87 12.93 11.84
N ALA A 367 13.81 12.20 12.16
CA ALA A 367 13.09 12.42 13.41
C ALA A 367 13.91 11.93 14.58
N THR A 368 13.82 12.66 15.69
CA THR A 368 14.30 12.23 17.00
C THR A 368 13.13 11.66 17.81
N ASN A 369 13.43 10.72 18.72
CA ASN A 369 12.40 10.09 19.59
C ASN A 369 11.63 11.13 20.46
N PRO A 370 10.29 11.20 20.30
CA PRO A 370 9.53 12.25 20.97
C PRO A 370 9.41 12.05 22.48
N ASP A 371 9.62 10.81 22.93
CA ASP A 371 9.68 10.48 24.36
C ASP A 371 11.00 10.95 24.98
N LYS A 372 10.95 12.06 25.69
CA LYS A 372 12.11 12.61 26.41
C LYS A 372 12.45 11.91 27.73
N GLU A 373 11.46 11.32 28.40
CA GLU A 373 11.72 10.71 29.70
C GLU A 373 12.52 9.40 29.62
N ASN A 374 12.16 8.49 28.73
CA ASN A 374 12.79 7.15 28.76
C ASN A 374 14.06 6.97 27.91
N SER A 375 14.19 7.75 26.84
CA SER A 375 15.10 7.41 25.73
C SER A 375 16.59 7.64 26.00
N MET A 376 17.42 6.92 25.24
CA MET A 376 18.86 7.14 25.15
C MET A 376 19.11 8.46 24.43
N SER A 377 20.19 9.15 24.80
CA SER A 377 20.41 10.49 24.33
C SER A 377 21.86 10.62 23.96
N ILE A 378 22.15 11.35 22.89
CA ILE A 378 23.53 11.57 22.47
C ILE A 378 23.76 13.08 22.30
N SER A 379 24.97 13.51 22.61
CA SER A 379 25.35 14.92 22.54
C SER A 379 26.56 15.14 21.63
N ILE A 380 26.46 16.15 20.79
CA ILE A 380 27.46 16.38 19.78
C ILE A 380 27.68 17.88 19.56
N LEU A 381 28.82 18.20 18.95
CA LEU A 381 29.08 19.55 18.49
C LEU A 381 29.67 19.50 17.08
N LEU A 382 29.06 20.29 16.21
CA LEU A 382 29.46 20.45 14.83
C LEU A 382 30.11 21.83 14.67
N ASP A 383 31.39 21.84 14.26
CA ASP A 383 32.15 23.09 14.16
C ASP A 383 32.79 23.29 12.76
N ASN A 384 31.94 23.30 11.73
CA ASN A 384 32.40 23.27 10.34
C ASN A 384 31.83 24.39 9.50
N ARG A 406 32.27 12.59 -27.94
CA ARG A 406 32.96 11.78 -28.96
C ARG A 406 33.46 10.40 -28.42
N ALA A 407 34.10 9.61 -29.31
CA ALA A 407 34.53 8.21 -29.05
C ALA A 407 33.49 7.22 -29.59
N GLU A 408 33.85 5.93 -29.63
CA GLU A 408 32.93 4.85 -30.10
C GLU A 408 33.38 3.50 -29.51
N MET A 409 32.41 2.69 -29.09
CA MET A 409 32.66 1.62 -28.12
C MET A 409 33.14 0.31 -28.74
N PRO A 410 34.02 -0.43 -28.03
CA PRO A 410 34.42 -1.79 -28.39
C PRO A 410 33.26 -2.76 -28.40
N ASN A 411 33.47 -3.92 -28.99
CA ASN A 411 32.38 -4.83 -29.20
C ASN A 411 31.91 -5.49 -27.92
N GLN A 412 32.83 -6.04 -27.12
CA GLN A 412 32.41 -6.86 -25.94
C GLN A 412 32.27 -6.07 -24.65
N LEU A 413 32.67 -4.81 -24.67
CA LEU A 413 32.37 -3.95 -23.56
C LEU A 413 30.87 -3.61 -23.61
N ARG A 414 30.40 -3.18 -24.78
CA ARG A 414 28.97 -2.97 -25.01
C ARG A 414 28.11 -4.19 -24.64
N LYS A 415 28.72 -5.38 -24.61
CA LYS A 415 28.00 -6.59 -24.24
C LYS A 415 27.99 -6.72 -22.73
N GLN A 416 29.15 -6.52 -22.11
CA GLN A 416 29.26 -6.49 -20.64
C GLN A 416 28.34 -5.39 -20.10
N LEU A 417 28.34 -4.22 -20.75
CA LEU A 417 27.44 -3.13 -20.38
C LEU A 417 26.01 -3.58 -20.53
N GLU A 418 25.64 -4.01 -21.73
CA GLU A 418 24.26 -4.49 -21.94
C GLU A 418 23.87 -5.65 -21.02
N ALA A 419 24.80 -6.57 -20.77
CA ALA A 419 24.62 -7.67 -19.81
C ALA A 419 24.23 -7.18 -18.40
N ILE A 420 25.06 -6.29 -17.84
CA ILE A 420 24.75 -5.62 -16.59
C ILE A 420 23.38 -4.98 -16.67
N ILE A 421 23.15 -4.15 -17.67
CA ILE A 421 21.91 -3.40 -17.76
C ILE A 421 20.69 -4.31 -17.79
N ALA A 422 20.85 -5.53 -18.30
CA ALA A 422 19.71 -6.46 -18.36
C ALA A 422 19.39 -7.09 -17.00
N THR A 423 20.36 -7.09 -16.08
CA THR A 423 20.28 -7.85 -14.84
C THR A 423 19.14 -7.34 -13.93
N ASP A 424 18.74 -8.13 -12.93
CA ASP A 424 17.60 -7.77 -12.05
C ASP A 424 17.97 -6.67 -11.05
N PRO A 425 16.95 -6.01 -10.45
CA PRO A 425 17.23 -4.93 -9.49
C PRO A 425 17.99 -5.41 -8.28
N LEU A 426 17.80 -6.66 -7.93
CA LEU A 426 18.50 -7.24 -6.80
C LEU A 426 19.84 -7.83 -7.19
N ASN A 427 20.36 -7.51 -8.37
CA ASN A 427 21.70 -7.97 -8.69
C ASN A 427 22.67 -6.98 -8.09
N PRO A 428 23.61 -7.46 -7.25
CA PRO A 428 24.67 -6.57 -6.72
C PRO A 428 25.69 -6.24 -7.80
N LEU A 429 26.05 -4.96 -7.94
CA LEU A 429 27.06 -4.54 -8.91
C LEU A 429 28.43 -4.59 -8.28
N THR A 430 29.40 -5.11 -9.01
CA THR A 430 30.78 -5.06 -8.58
C THR A 430 31.33 -3.62 -8.69
N ALA A 431 32.48 -3.38 -8.06
CA ALA A 431 33.28 -2.24 -8.40
C ALA A 431 33.41 -2.27 -9.92
N GLU A 432 34.02 -3.33 -10.44
CA GLU A 432 34.24 -3.47 -11.90
C GLU A 432 33.02 -2.93 -12.69
N ASP A 433 31.83 -3.42 -12.35
CA ASP A 433 30.61 -3.04 -13.02
C ASP A 433 30.40 -1.53 -12.94
N LYS A 434 30.49 -0.98 -11.72
CA LYS A 434 30.22 0.44 -11.45
C LYS A 434 31.09 1.38 -12.27
N GLU A 435 32.36 1.01 -12.38
CA GLU A 435 33.31 1.82 -13.09
C GLU A 435 32.97 1.70 -14.55
N LEU A 436 32.69 0.47 -14.99
CA LEU A 436 32.24 0.26 -16.37
C LEU A 436 31.04 1.16 -16.72
N LEU A 437 30.02 1.19 -15.85
CA LEU A 437 28.84 2.04 -16.06
C LEU A 437 29.20 3.51 -16.12
N TRP A 438 30.17 3.91 -15.31
CA TRP A 438 30.44 5.33 -15.13
C TRP A 438 31.29 5.83 -16.27
N HIS A 439 32.32 5.07 -16.58
CA HIS A 439 33.17 5.39 -17.73
C HIS A 439 32.33 5.60 -18.97
N PHE A 440 31.46 4.63 -19.26
CA PHE A 440 30.56 4.72 -20.42
C PHE A 440 29.20 5.18 -19.98
N ARG A 441 29.16 6.15 -19.07
CA ARG A 441 27.91 6.72 -18.64
C ARG A 441 27.10 7.29 -19.79
N TYR A 442 27.75 7.85 -20.80
CA TYR A 442 27.00 8.46 -21.90
C TYR A 442 26.30 7.48 -22.82
N GLU A 443 26.82 6.27 -22.86
CA GLU A 443 26.14 5.17 -23.49
C GLU A 443 24.99 4.70 -22.62
N SER A 444 25.30 4.55 -21.33
CA SER A 444 24.35 4.09 -20.33
C SER A 444 23.06 4.88 -20.42
N LEU A 445 23.19 6.20 -20.64
CA LEU A 445 22.01 7.08 -20.81
C LEU A 445 21.03 6.65 -21.89
N LYS A 446 21.56 6.06 -22.95
CA LYS A 446 20.70 5.68 -24.05
C LYS A 446 19.60 4.69 -23.60
N HIS A 447 19.91 3.86 -22.61
CA HIS A 447 18.99 2.89 -22.06
C HIS A 447 18.36 3.32 -20.74
N PRO A 448 17.10 3.77 -20.80
CA PRO A 448 16.49 4.16 -19.55
C PRO A 448 16.71 3.15 -18.46
N LYS A 449 16.60 1.87 -18.79
CA LYS A 449 16.70 0.81 -17.80
C LYS A 449 18.02 0.79 -17.04
N ALA A 450 19.07 1.37 -17.59
CA ALA A 450 20.37 1.45 -16.91
C ALA A 450 20.32 2.46 -15.79
N TYR A 451 19.41 3.39 -15.85
CA TYR A 451 19.48 4.50 -14.92
C TYR A 451 19.74 4.06 -13.47
N PRO A 452 18.84 3.23 -12.88
CA PRO A 452 19.01 2.79 -11.50
C PRO A 452 20.45 2.41 -11.20
N LYS A 453 21.00 1.56 -12.05
CA LYS A 453 22.32 1.00 -11.85
C LYS A 453 23.42 2.02 -12.16
N LEU A 454 23.11 2.99 -13.02
CA LEU A 454 24.10 4.00 -13.40
C LEU A 454 24.24 5.02 -12.28
N PHE A 455 23.12 5.47 -11.71
CA PHE A 455 23.21 6.39 -10.58
C PHE A 455 23.61 5.69 -9.30
N SER A 456 23.56 4.35 -9.32
CA SER A 456 24.15 3.52 -8.29
C SER A 456 25.62 3.29 -8.48
N SER A 457 26.18 3.83 -9.55
CA SER A 457 27.60 3.69 -9.79
C SER A 457 28.30 5.02 -9.53
N VAL A 458 27.51 6.07 -9.30
CA VAL A 458 28.04 7.36 -8.86
C VAL A 458 28.67 7.26 -7.48
N LYS A 459 29.84 7.90 -7.34
CA LYS A 459 30.42 8.25 -6.03
C LYS A 459 29.90 9.62 -5.60
N TRP A 460 28.91 9.62 -4.74
CA TRP A 460 28.27 10.87 -4.34
C TRP A 460 29.06 11.70 -3.33
N GLY A 461 30.03 11.06 -2.67
CA GLY A 461 31.00 11.78 -1.83
C GLY A 461 32.13 12.48 -2.57
N GLN A 462 31.95 12.75 -3.86
CA GLN A 462 32.90 13.55 -4.65
C GLN A 462 32.19 14.68 -5.41
N GLN A 463 32.33 15.90 -4.91
CA GLN A 463 31.67 17.05 -5.47
C GLN A 463 31.90 17.13 -6.99
N GLU A 464 33.10 16.78 -7.46
CA GLU A 464 33.40 16.80 -8.91
C GLU A 464 32.57 15.78 -9.70
N ILE A 465 32.56 14.54 -9.21
CA ILE A 465 31.75 13.47 -9.83
C ILE A 465 30.26 13.78 -9.79
N VAL A 466 29.77 14.14 -8.61
CA VAL A 466 28.40 14.63 -8.47
C VAL A 466 28.15 15.70 -9.50
N ALA A 467 29.14 16.54 -9.75
CA ALA A 467 29.02 17.57 -10.75
C ALA A 467 28.69 16.89 -12.06
N LYS A 468 29.60 16.04 -12.51
CA LYS A 468 29.42 15.34 -13.79
C LYS A 468 28.10 14.62 -13.88
N THR A 469 27.72 13.97 -12.78
CA THR A 469 26.42 13.30 -12.69
C THR A 469 25.31 14.29 -13.04
N TYR A 470 25.36 15.51 -12.52
CA TYR A 470 24.30 16.46 -12.82
C TYR A 470 24.38 16.90 -14.26
N GLN A 471 25.60 17.11 -14.76
CA GLN A 471 25.77 17.51 -16.15
C GLN A 471 24.97 16.58 -17.04
N LEU A 472 25.14 15.28 -16.89
CA LEU A 472 24.47 14.36 -17.82
C LEU A 472 22.99 14.14 -17.53
N LEU A 473 22.51 14.51 -16.35
CA LEU A 473 21.06 14.60 -16.13
C LEU A 473 20.41 15.76 -16.90
N ALA A 474 21.20 16.70 -17.40
CA ALA A 474 20.65 17.73 -18.27
C ALA A 474 20.48 17.18 -19.68
N ARG A 475 20.99 15.96 -19.92
CA ARG A 475 20.85 15.27 -21.20
C ARG A 475 19.73 14.24 -21.14
N ARG A 476 18.57 14.68 -20.65
CA ARG A 476 17.38 13.82 -20.48
C ARG A 476 16.54 13.65 -21.76
N GLU A 477 17.17 13.67 -22.92
CA GLU A 477 16.43 13.57 -24.17
C GLU A 477 15.77 12.19 -24.22
N VAL A 478 16.54 11.11 -24.02
CA VAL A 478 15.96 9.76 -24.11
C VAL A 478 15.00 9.41 -22.96
N TRP A 479 15.37 9.83 -21.75
CA TRP A 479 14.55 9.59 -20.57
C TRP A 479 13.18 10.22 -20.75
N ASP A 480 13.17 11.54 -21.01
CA ASP A 480 11.92 12.29 -21.27
C ASP A 480 11.11 11.72 -22.44
N GLN A 481 11.76 11.00 -23.34
CA GLN A 481 11.10 10.31 -24.45
C GLN A 481 10.54 8.93 -24.13
N SER A 482 11.09 8.26 -23.13
CA SER A 482 10.72 6.87 -22.84
C SER A 482 9.27 6.74 -22.44
N ALA A 483 8.64 5.65 -22.81
CA ALA A 483 7.30 5.37 -22.33
C ALA A 483 7.45 5.09 -20.84
N LEU A 484 6.48 5.54 -20.04
CA LEU A 484 6.52 5.35 -18.58
C LEU A 484 6.58 3.88 -18.18
N ASP A 485 7.57 3.56 -17.35
CA ASP A 485 7.69 2.24 -16.76
C ASP A 485 7.71 2.39 -15.25
N VAL A 486 6.66 1.95 -14.58
CA VAL A 486 6.52 2.23 -13.15
C VAL A 486 7.56 1.51 -12.31
N GLY A 487 7.76 0.24 -12.61
CA GLY A 487 8.76 -0.57 -11.93
C GLY A 487 10.09 0.10 -11.91
N LEU A 488 10.50 0.61 -13.07
CA LEU A 488 11.75 1.35 -13.19
C LEU A 488 11.71 2.66 -12.40
N THR A 489 10.59 3.36 -12.48
CA THR A 489 10.48 4.63 -11.81
C THR A 489 10.53 4.44 -10.31
N MET A 490 9.73 3.48 -9.88
CA MET A 490 9.68 3.01 -8.52
C MET A 490 11.05 2.80 -7.87
N GLN A 491 11.98 2.17 -8.59
CA GLN A 491 13.30 1.84 -8.00
C GLN A 491 14.16 3.08 -7.82
N LEU A 492 13.84 4.18 -8.54
CA LEU A 492 14.58 5.46 -8.34
C LEU A 492 14.08 6.20 -7.09
N LEU A 493 12.93 5.79 -6.58
CA LEU A 493 12.40 6.36 -5.37
C LEU A 493 12.67 5.52 -4.10
N ASP A 494 13.43 4.42 -4.17
CA ASP A 494 13.74 3.62 -2.98
C ASP A 494 14.99 4.12 -2.20
N CYS A 495 15.43 3.32 -1.23
CA CYS A 495 16.42 3.75 -0.25
C CYS A 495 17.80 3.86 -0.81
N ASN A 496 17.97 3.37 -2.02
CA ASN A 496 19.27 3.41 -2.69
C ASN A 496 19.53 4.73 -3.43
N PHE A 497 18.62 5.70 -3.29
CA PHE A 497 18.77 6.92 -4.06
C PHE A 497 18.42 8.11 -3.23
N SER A 498 19.41 8.86 -2.79
CA SER A 498 19.14 9.92 -1.84
C SER A 498 19.21 11.32 -2.48
N ASP A 499 19.61 11.38 -3.75
CA ASP A 499 19.83 12.65 -4.42
C ASP A 499 18.54 13.23 -5.01
N GLU A 500 18.17 14.45 -4.62
CA GLU A 500 16.91 14.99 -5.10
C GLU A 500 16.75 14.92 -6.62
N ASN A 501 17.80 15.22 -7.37
CA ASN A 501 17.66 15.30 -8.83
C ASN A 501 17.29 13.97 -9.43
N VAL A 502 18.05 12.93 -9.09
CA VAL A 502 17.69 11.56 -9.46
C VAL A 502 16.23 11.29 -9.14
N ARG A 503 15.85 11.52 -7.89
CA ARG A 503 14.50 11.20 -7.45
C ARG A 503 13.50 12.00 -8.26
N ALA A 504 13.92 13.22 -8.63
CA ALA A 504 13.07 14.15 -9.34
C ALA A 504 12.72 13.65 -10.75
N ILE A 505 13.62 12.90 -11.39
CA ILE A 505 13.30 12.38 -12.72
C ILE A 505 12.24 11.28 -12.58
N ALA A 506 12.35 10.50 -11.51
CA ALA A 506 11.33 9.49 -11.21
C ALA A 506 9.95 10.14 -11.16
N VAL A 507 9.82 11.22 -10.40
CA VAL A 507 8.51 11.85 -10.20
C VAL A 507 7.98 12.56 -11.44
N GLN A 508 8.88 13.02 -12.32
CA GLN A 508 8.45 13.62 -13.61
C GLN A 508 7.70 12.56 -14.40
N LYS A 509 8.28 11.36 -14.48
CA LYS A 509 7.60 10.22 -15.11
C LYS A 509 6.24 9.88 -14.54
N LEU A 510 5.97 10.15 -13.26
CA LEU A 510 4.68 9.76 -12.69
C LEU A 510 3.47 10.58 -13.17
N GLU A 511 3.67 11.70 -13.86
CA GLU A 511 2.51 12.58 -14.21
C GLU A 511 1.68 11.98 -15.35
N SER A 512 2.31 11.25 -16.28
CA SER A 512 1.57 10.49 -17.26
C SER A 512 0.56 9.53 -16.61
N LEU A 513 0.88 8.91 -15.48
CA LEU A 513 -0.12 8.12 -14.76
C LEU A 513 -1.39 8.94 -14.68
N GLU A 514 -2.46 8.43 -15.28
CA GLU A 514 -3.80 8.94 -15.03
C GLU A 514 -4.20 8.40 -13.66
N ASP A 515 -5.24 8.97 -13.07
CA ASP A 515 -5.61 8.65 -11.70
C ASP A 515 -5.63 7.13 -11.49
N ASP A 516 -6.58 6.49 -12.15
CA ASP A 516 -6.62 5.05 -12.28
C ASP A 516 -5.30 4.39 -11.84
N ASP A 517 -4.21 4.69 -12.53
CA ASP A 517 -2.94 4.07 -12.21
C ASP A 517 -2.34 4.61 -10.94
N VAL A 518 -2.69 5.81 -10.51
CA VAL A 518 -2.18 6.30 -9.24
C VAL A 518 -2.68 5.40 -8.12
N LEU A 519 -3.97 5.10 -8.17
CA LEU A 519 -4.61 4.31 -7.12
C LEU A 519 -3.88 3.01 -6.96
N HIS A 520 -3.64 2.31 -8.07
CA HIS A 520 -2.90 1.10 -8.04
C HIS A 520 -1.59 1.23 -7.26
N TYR A 521 -0.98 2.41 -7.26
CA TYR A 521 0.35 2.58 -6.73
C TYR A 521 0.40 3.44 -5.48
N LEU A 522 -0.73 3.98 -5.06
CA LEU A 522 -0.69 5.08 -4.10
C LEU A 522 -0.01 4.70 -2.78
N LEU A 523 -0.50 3.61 -2.19
CA LEU A 523 -0.01 3.15 -0.91
C LEU A 523 1.52 3.11 -0.93
N GLN A 524 2.09 2.61 -2.02
CA GLN A 524 3.52 2.43 -2.07
C GLN A 524 4.23 3.69 -2.40
N LEU A 525 3.65 4.53 -3.23
CA LEU A 525 4.17 5.87 -3.45
C LEU A 525 4.10 6.66 -2.16
N VAL A 526 3.01 6.55 -1.40
CA VAL A 526 3.02 7.15 -0.05
C VAL A 526 4.10 6.55 0.82
N GLN A 527 4.28 5.24 0.72
CA GLN A 527 5.28 4.63 1.56
C GLN A 527 6.69 5.06 1.11
N ALA A 528 6.82 5.56 -0.12
CA ALA A 528 8.12 6.02 -0.64
C ALA A 528 8.58 7.32 0.02
N VAL A 529 7.64 8.06 0.61
CA VAL A 529 8.00 9.31 1.30
C VAL A 529 8.95 9.03 2.49
N LYS A 530 8.95 7.82 3.00
CA LYS A 530 9.87 7.52 4.06
C LYS A 530 11.31 7.44 3.58
N PHE A 531 11.55 7.46 2.26
CA PHE A 531 12.92 7.37 1.70
C PHE A 531 13.43 8.72 1.27
N GLU A 532 12.54 9.70 1.17
CA GLU A 532 12.94 11.11 0.99
C GLU A 532 13.84 11.50 2.16
N PRO A 533 14.96 12.19 1.87
CA PRO A 533 15.83 12.83 2.87
C PRO A 533 15.26 14.06 3.54
N TYR A 534 14.45 14.83 2.81
CA TYR A 534 13.78 16.05 3.32
C TYR A 534 12.24 15.93 3.28
N HIS A 535 11.59 16.73 4.14
CA HIS A 535 10.12 16.74 4.30
C HIS A 535 9.38 17.27 3.06
N ASP A 536 9.91 18.31 2.45
CA ASP A 536 9.35 18.80 1.21
C ASP A 536 10.08 18.08 0.12
N SER A 537 9.37 17.64 -0.91
CA SER A 537 10.05 16.99 -2.04
C SER A 537 9.05 16.72 -3.15
N ALA A 538 9.57 16.51 -4.35
CA ALA A 538 8.70 16.36 -5.52
C ALA A 538 7.67 15.20 -5.35
N LEU A 539 8.07 14.16 -4.62
CA LEU A 539 7.15 13.07 -4.34
C LEU A 539 5.99 13.51 -3.44
N ALA A 540 6.28 14.27 -2.40
CA ALA A 540 5.23 14.79 -1.52
C ALA A 540 4.32 15.69 -2.36
N ARG A 541 4.89 16.73 -2.95
CA ARG A 541 4.13 17.63 -3.82
C ARG A 541 3.25 16.84 -4.75
N PHE A 542 3.81 15.82 -5.39
CA PHE A 542 3.01 15.02 -6.33
C PHE A 542 1.82 14.32 -5.65
N LEU A 543 2.08 13.57 -4.58
CA LEU A 543 0.99 12.95 -3.83
C LEU A 543 -0.11 13.95 -3.49
N LEU A 544 0.26 15.11 -2.94
CA LEU A 544 -0.69 16.22 -2.74
C LEU A 544 -1.40 16.67 -4.04
N LYS A 545 -0.60 17.03 -5.04
CA LYS A 545 -1.10 17.43 -6.37
C LYS A 545 -2.16 16.39 -6.75
N ARG A 546 -1.76 15.13 -6.83
CA ARG A 546 -2.66 14.10 -7.37
C ARG A 546 -3.75 13.66 -6.44
N GLY A 547 -3.75 14.10 -5.18
CA GLY A 547 -4.83 13.78 -4.23
C GLY A 547 -5.90 14.82 -4.32
N LEU A 548 -5.49 16.08 -4.29
CA LEU A 548 -6.35 17.24 -4.41
C LEU A 548 -7.08 17.31 -5.72
N ARG A 549 -6.55 16.64 -6.74
CA ARG A 549 -7.18 16.69 -8.06
C ARG A 549 -8.38 15.72 -8.19
N ASN A 550 -8.32 14.59 -7.51
CA ASN A 550 -9.33 13.56 -7.62
C ASN A 550 -9.78 13.15 -6.20
N LYS A 551 -11.07 13.14 -5.95
CA LYS A 551 -11.58 12.86 -4.64
C LYS A 551 -11.25 11.43 -4.23
N ARG A 552 -11.47 10.50 -5.12
CA ARG A 552 -11.07 9.16 -4.83
C ARG A 552 -9.67 9.19 -4.25
N ILE A 553 -8.70 9.59 -5.04
CA ILE A 553 -7.31 9.65 -4.53
C ILE A 553 -7.18 10.42 -3.22
N GLY A 554 -7.83 11.58 -3.11
CA GLY A 554 -7.71 12.35 -1.87
C GLY A 554 -8.19 11.57 -0.65
N HIS A 555 -9.17 10.70 -0.86
CA HIS A 555 -9.74 9.90 0.19
C HIS A 555 -8.72 8.90 0.68
N PHE A 556 -8.28 8.02 -0.20
CA PHE A 556 -7.29 7.02 0.20
C PHE A 556 -5.97 7.63 0.63
N LEU A 557 -5.57 8.77 0.04
CA LEU A 557 -4.40 9.51 0.51
C LEU A 557 -4.60 9.91 1.99
N PHE A 558 -5.81 10.28 2.36
CA PHE A 558 -6.08 10.65 3.73
C PHE A 558 -6.01 9.46 4.69
N TRP A 559 -6.45 8.29 4.24
CA TRP A 559 -6.42 7.14 5.15
C TRP A 559 -5.07 6.44 5.08
N PHE A 560 -4.25 6.72 4.07
CA PHE A 560 -2.92 6.14 4.09
C PHE A 560 -2.00 6.99 4.94
N LEU A 561 -2.14 8.32 4.85
CA LEU A 561 -1.34 9.22 5.70
C LEU A 561 -1.71 9.10 7.17
N ARG A 562 -3.02 9.11 7.44
CA ARG A 562 -3.53 8.97 8.81
C ARG A 562 -3.11 7.67 9.46
N SER A 563 -2.99 6.61 8.68
CA SER A 563 -2.56 5.31 9.22
C SER A 563 -1.12 5.32 9.75
N GLU A 564 -0.21 5.94 9.00
CA GLU A 564 1.21 6.02 9.41
C GLU A 564 1.37 7.02 10.51
N ILE A 565 0.71 8.18 10.37
CA ILE A 565 0.72 9.23 11.40
C ILE A 565 0.23 8.70 12.75
N ALA A 566 -0.77 7.83 12.69
CA ALA A 566 -1.36 7.25 13.88
C ALA A 566 -0.41 6.39 14.66
N GLN A 567 0.58 5.80 14.00
CA GLN A 567 1.39 4.75 14.67
C GLN A 567 2.86 4.72 14.31
N SER A 568 3.38 5.74 13.62
CA SER A 568 4.79 5.73 13.27
C SER A 568 5.41 6.93 13.92
N ARG A 569 5.96 6.72 15.10
CA ARG A 569 6.79 7.74 15.75
C ARG A 569 7.81 8.25 14.73
N HIS A 570 8.47 7.33 14.04
CA HIS A 570 9.52 7.70 13.08
C HIS A 570 9.11 8.67 11.91
N TYR A 571 7.83 8.73 11.54
CA TYR A 571 7.40 9.59 10.44
C TYR A 571 6.12 10.44 10.67
N GLN A 572 5.47 10.30 11.81
CA GLN A 572 4.20 10.98 11.96
C GLN A 572 4.29 12.50 11.70
N GLN A 573 5.41 13.12 12.05
CA GLN A 573 5.58 14.57 11.76
C GLN A 573 5.48 14.91 10.27
N ARG A 574 6.34 14.30 9.45
CA ARG A 574 6.34 14.52 8.00
C ARG A 574 4.96 14.34 7.35
N PHE A 575 4.39 13.16 7.57
CA PHE A 575 3.12 12.82 6.96
C PHE A 575 2.04 13.78 7.41
N ALA A 576 2.05 14.09 8.72
CA ALA A 576 1.15 15.07 9.32
C ALA A 576 1.16 16.40 8.54
N VAL A 577 2.35 16.90 8.29
CA VAL A 577 2.44 18.09 7.46
C VAL A 577 1.81 17.80 6.09
N ILE A 578 2.28 16.77 5.38
CA ILE A 578 1.72 16.42 4.06
C ILE A 578 0.20 16.25 4.16
N LEU A 579 -0.29 15.60 5.21
CA LEU A 579 -1.75 15.43 5.35
C LEU A 579 -2.45 16.79 5.52
N GLU A 580 -2.02 17.61 6.47
CA GLU A 580 -2.58 18.96 6.62
C GLU A 580 -2.58 19.69 5.29
N ALA A 581 -1.44 19.69 4.61
CA ALA A 581 -1.38 20.30 3.27
C ALA A 581 -2.54 19.81 2.43
N TYR A 582 -2.81 18.52 2.45
CA TYR A 582 -3.96 18.02 1.73
C TYR A 582 -5.26 18.61 2.25
N LEU A 583 -5.53 18.43 3.56
CA LEU A 583 -6.81 18.79 4.18
C LEU A 583 -7.19 20.26 3.98
N ARG A 584 -6.18 21.13 4.02
CA ARG A 584 -6.35 22.57 3.79
C ARG A 584 -6.85 22.98 2.46
N GLY A 585 -6.82 22.11 1.46
CA GLY A 585 -7.27 22.50 0.13
C GLY A 585 -8.21 21.53 -0.53
N CYS A 586 -8.67 20.55 0.23
CA CYS A 586 -9.43 19.42 -0.34
C CYS A 586 -10.90 19.73 -0.63
N GLY A 587 -11.44 20.77 0.01
CA GLY A 587 -12.87 21.08 -0.07
C GLY A 587 -13.51 20.90 1.31
N THR A 588 -14.39 21.83 1.66
CA THR A 588 -15.05 21.77 2.96
C THR A 588 -16.08 20.64 3.02
N ALA A 589 -16.57 20.14 1.87
CA ALA A 589 -17.50 18.99 1.88
C ALA A 589 -16.75 17.70 2.19
N MET A 590 -15.55 17.56 1.64
CA MET A 590 -14.71 16.42 1.95
C MET A 590 -14.48 16.39 3.44
N LEU A 591 -14.10 17.55 3.97
CA LEU A 591 -13.79 17.77 5.39
C LEU A 591 -14.91 17.31 6.33
N HIS A 592 -16.13 17.74 6.06
CA HIS A 592 -17.27 17.36 6.90
C HIS A 592 -17.41 15.84 6.95
N ASP A 593 -17.22 15.22 5.79
CA ASP A 593 -17.36 13.80 5.59
C ASP A 593 -16.23 13.08 6.30
N PHE A 594 -15.00 13.55 6.10
CA PHE A 594 -13.84 13.02 6.81
C PHE A 594 -14.10 13.02 8.32
N THR A 595 -14.59 14.14 8.84
CA THR A 595 -14.75 14.32 10.27
C THR A 595 -15.64 13.23 10.87
N GLN A 596 -16.73 12.93 10.18
CA GLN A 596 -17.62 11.84 10.54
C GLN A 596 -16.89 10.52 10.49
N GLN A 597 -16.27 10.24 9.35
CA GLN A 597 -15.61 8.97 9.16
C GLN A 597 -14.74 8.69 10.38
N VAL A 598 -13.86 9.65 10.68
CA VAL A 598 -12.97 9.53 11.82
C VAL A 598 -13.72 9.36 13.13
N GLN A 599 -14.86 10.03 13.29
CA GLN A 599 -15.65 9.90 14.52
C GLN A 599 -16.14 8.49 14.71
N VAL A 600 -16.90 8.01 13.72
CA VAL A 600 -17.40 6.63 13.70
C VAL A 600 -16.28 5.64 14.06
N ILE A 601 -15.15 5.75 13.39
CA ILE A 601 -13.97 4.92 13.67
C ILE A 601 -13.49 5.03 15.14
N GLU A 602 -13.58 6.20 15.76
CA GLU A 602 -13.05 6.34 17.12
C GLU A 602 -13.97 5.68 18.14
N MET A 603 -15.27 5.76 17.90
CA MET A 603 -16.25 5.07 18.73
C MET A 603 -16.02 3.58 18.60
N LEU A 604 -16.17 3.10 17.37
CA LEU A 604 -16.14 1.67 17.04
C LEU A 604 -14.84 0.99 17.51
N GLN A 605 -13.73 1.73 17.52
CA GLN A 605 -12.50 1.25 18.13
C GLN A 605 -12.66 1.08 19.64
N LYS A 606 -13.38 2.01 20.28
CA LYS A 606 -13.54 1.96 21.72
C LYS A 606 -14.29 0.69 22.07
N VAL A 607 -15.34 0.43 21.30
CA VAL A 607 -16.15 -0.75 21.51
C VAL A 607 -15.39 -2.06 21.27
N THR A 608 -14.45 -2.09 20.34
CA THR A 608 -13.75 -3.34 20.06
C THR A 608 -12.60 -3.55 21.04
N LEU A 609 -12.25 -2.49 21.78
CA LEU A 609 -11.22 -2.60 22.82
C LEU A 609 -11.86 -3.06 24.14
N ASP A 610 -12.86 -2.31 24.61
CA ASP A 610 -13.62 -2.69 25.82
C ASP A 610 -14.00 -4.18 25.83
N ILE A 611 -14.36 -4.71 24.67
CA ILE A 611 -14.79 -6.09 24.56
C ILE A 611 -13.59 -7.03 24.47
N LYS A 612 -12.44 -6.52 24.11
CA LYS A 612 -11.25 -7.38 24.11
C LYS A 612 -10.88 -7.69 25.55
N SER A 613 -10.64 -6.65 26.35
CA SER A 613 -10.32 -6.79 27.79
C SER A 613 -11.44 -7.40 28.65
N LEU A 614 -12.67 -7.45 28.13
CA LEU A 614 -13.77 -8.20 28.74
C LEU A 614 -13.86 -9.65 28.18
N SER A 615 -12.73 -10.32 27.94
CA SER A 615 -12.74 -11.66 27.32
C SER A 615 -11.38 -12.36 27.41
N ALA A 616 -11.33 -13.45 28.20
CA ALA A 616 -10.09 -14.21 28.45
C ALA A 616 -9.63 -15.01 27.21
N GLU A 617 -9.07 -16.21 27.43
CA GLU A 617 -8.85 -17.18 26.33
C GLU A 617 -9.57 -18.48 26.64
N LYS A 618 -10.88 -18.45 26.42
CA LYS A 618 -11.73 -19.62 26.55
C LYS A 618 -12.73 -19.51 25.41
N TYR A 619 -12.65 -20.45 24.47
CA TYR A 619 -13.31 -20.29 23.17
C TYR A 619 -14.81 -20.47 23.23
N ASP A 620 -15.39 -19.39 23.73
CA ASP A 620 -16.79 -19.23 24.06
C ASP A 620 -17.06 -17.72 23.98
N VAL A 621 -18.24 -17.36 23.52
CA VAL A 621 -18.74 -16.01 23.67
C VAL A 621 -19.87 -16.14 24.69
N SER A 622 -19.67 -15.59 25.88
CA SER A 622 -20.65 -15.71 26.98
C SER A 622 -21.85 -14.80 26.72
N SER A 623 -22.98 -15.14 27.34
CA SER A 623 -24.18 -14.28 27.32
C SER A 623 -23.87 -12.81 27.63
N GLN A 624 -23.04 -12.59 28.64
CA GLN A 624 -22.74 -11.25 29.15
C GLN A 624 -21.66 -10.54 28.32
N VAL A 625 -21.07 -11.28 27.38
CA VAL A 625 -20.33 -10.70 26.27
C VAL A 625 -21.32 -10.17 25.26
N ILE A 626 -22.11 -11.08 24.69
CA ILE A 626 -23.07 -10.68 23.66
C ILE A 626 -24.22 -9.87 24.28
N SER A 627 -24.12 -9.54 25.57
CA SER A 627 -25.02 -8.58 26.16
C SER A 627 -24.35 -7.24 26.14
N GLN A 628 -23.13 -7.19 26.66
CA GLN A 628 -22.39 -5.95 26.72
C GLN A 628 -22.05 -5.48 25.30
N LEU A 629 -21.77 -6.41 24.39
CA LEU A 629 -21.58 -6.05 22.98
C LEU A 629 -22.89 -5.52 22.47
N LYS A 630 -23.93 -6.33 22.59
CA LYS A 630 -25.23 -5.91 22.13
C LYS A 630 -25.53 -4.56 22.70
N GLN A 631 -25.51 -4.46 24.02
CA GLN A 631 -25.86 -3.22 24.70
C GLN A 631 -25.04 -2.04 24.20
N LYS A 632 -23.71 -2.13 24.27
CA LYS A 632 -22.87 -1.03 23.81
C LYS A 632 -23.26 -0.46 22.43
N LEU A 633 -23.51 -1.32 21.44
CA LEU A 633 -23.89 -0.90 20.08
C LEU A 633 -25.25 -0.18 20.09
N GLU A 634 -26.16 -0.73 20.88
CA GLU A 634 -27.46 -0.10 21.16
C GLU A 634 -27.22 1.21 21.88
N ASN A 635 -26.59 1.11 23.04
CA ASN A 635 -26.28 2.25 23.91
C ASN A 635 -25.42 3.27 23.17
N LEU A 636 -24.93 2.87 21.99
CA LEU A 636 -24.19 3.75 21.08
C LEU A 636 -25.06 4.34 19.96
N GLN A 637 -26.11 3.62 19.55
CA GLN A 637 -26.64 3.79 18.18
C GLN A 637 -27.05 5.19 17.63
N ASN A 638 -27.85 6.08 18.23
CA ASN A 638 -28.58 6.07 19.51
C ASN A 638 -28.02 7.09 20.50
N SER A 639 -26.75 7.47 20.35
CA SER A 639 -26.04 8.23 21.40
C SER A 639 -25.59 9.70 21.07
N GLN A 640 -24.82 10.08 20.04
CA GLN A 640 -23.49 9.59 19.54
C GLN A 640 -23.28 9.30 18.01
N LEU A 641 -23.66 8.12 17.54
CA LEU A 641 -23.34 7.64 16.17
C LEU A 641 -24.05 8.43 15.05
N PRO A 642 -23.27 9.02 14.11
CA PRO A 642 -23.85 9.74 12.96
C PRO A 642 -24.96 9.00 12.27
N GLU A 643 -25.89 9.77 11.69
CA GLU A 643 -26.99 9.22 10.88
C GLU A 643 -26.42 8.48 9.66
N SER A 644 -25.23 8.87 9.23
CA SER A 644 -24.64 8.32 8.02
C SER A 644 -23.14 8.66 7.94
N PHE A 645 -22.33 7.63 7.67
CA PHE A 645 -20.90 7.77 7.41
C PHE A 645 -20.50 7.04 6.13
N ARG A 646 -19.41 7.51 5.50
CA ARG A 646 -18.87 6.95 4.27
C ARG A 646 -17.84 5.91 4.63
N VAL A 647 -17.85 4.78 3.92
CA VAL A 647 -17.06 3.60 4.28
C VAL A 647 -15.61 3.72 3.84
N PRO A 648 -14.67 3.83 4.79
CA PRO A 648 -13.30 3.76 4.28
C PRO A 648 -13.11 2.41 3.56
N TYR A 649 -12.18 2.32 2.64
CA TYR A 649 -12.00 1.10 1.86
C TYR A 649 -13.00 1.03 0.73
N ASP A 650 -14.12 1.75 0.80
CA ASP A 650 -15.04 1.84 -0.35
C ASP A 650 -15.97 3.06 -0.33
N PRO A 651 -15.45 4.26 -0.66
CA PRO A 651 -16.18 5.54 -0.52
C PRO A 651 -17.39 5.77 -1.45
N GLY A 652 -17.65 4.87 -2.38
CA GLY A 652 -18.95 4.88 -3.04
C GLY A 652 -20.08 4.65 -2.04
N LEU A 653 -19.89 3.71 -1.10
CA LEU A 653 -20.89 3.33 -0.08
C LEU A 653 -20.92 4.24 1.15
N LYS A 654 -22.10 4.73 1.49
CA LYS A 654 -22.36 5.27 2.81
C LYS A 654 -23.14 4.21 3.61
N ALA A 655 -23.14 4.34 4.92
CA ALA A 655 -23.79 3.35 5.78
C ALA A 655 -24.51 4.09 6.89
N GLY A 656 -25.73 3.69 7.18
CA GLY A 656 -26.51 4.30 8.25
C GLY A 656 -26.36 3.57 9.58
N ALA A 657 -27.47 3.09 10.12
CA ALA A 657 -27.49 2.55 11.48
C ALA A 657 -27.11 1.08 11.52
N LEU A 658 -26.71 0.63 12.71
CA LEU A 658 -26.27 -0.74 12.95
C LEU A 658 -27.44 -1.68 12.84
N ALA A 659 -27.24 -2.81 12.15
CA ALA A 659 -28.13 -3.95 12.27
C ALA A 659 -27.68 -4.76 13.50
N ILE A 660 -28.10 -4.28 14.67
CA ILE A 660 -27.62 -4.81 15.94
C ILE A 660 -27.59 -6.34 15.95
N GLU A 661 -28.73 -6.95 15.63
CA GLU A 661 -28.90 -8.42 15.62
C GLU A 661 -27.90 -9.21 14.77
N LYS A 662 -27.32 -8.57 13.74
CA LYS A 662 -26.40 -9.27 12.85
C LYS A 662 -24.96 -9.10 13.30
N CYS A 663 -24.76 -8.12 14.19
CA CYS A 663 -23.49 -7.90 14.87
C CYS A 663 -23.19 -8.97 15.89
N LYS A 664 -21.94 -9.39 15.94
CA LYS A 664 -21.52 -10.46 16.84
C LYS A 664 -20.02 -10.39 17.01
N VAL A 665 -19.47 -11.04 18.03
CA VAL A 665 -18.02 -11.16 18.18
C VAL A 665 -17.54 -12.42 17.50
N MET A 666 -16.52 -12.27 16.66
CA MET A 666 -16.03 -13.39 15.84
C MET A 666 -15.20 -14.35 16.65
N ALA A 667 -15.82 -15.40 17.14
CA ALA A 667 -15.09 -16.53 17.71
C ALA A 667 -13.61 -16.52 17.26
N SER A 668 -12.75 -15.86 18.05
CA SER A 668 -11.29 -15.94 17.92
C SER A 668 -10.52 -15.19 18.99
N LYS A 669 -9.27 -15.61 19.18
CA LYS A 669 -8.35 -15.07 20.21
C LYS A 669 -8.16 -13.54 20.19
N LYS A 670 -8.52 -12.88 19.08
CA LYS A 670 -8.50 -11.40 19.04
C LYS A 670 -9.87 -10.78 19.29
N LYS A 671 -10.92 -11.62 19.26
CA LYS A 671 -12.31 -11.16 19.37
C LYS A 671 -12.48 -9.88 18.52
N PRO A 672 -12.45 -10.02 17.20
CA PRO A 672 -12.79 -8.90 16.35
C PRO A 672 -14.29 -8.77 16.28
N LEU A 673 -14.78 -7.59 15.94
CA LEU A 673 -16.21 -7.37 15.82
C LEU A 673 -16.68 -7.76 14.42
N TRP A 674 -17.93 -8.16 14.29
CA TRP A 674 -18.53 -8.43 12.99
C TRP A 674 -19.71 -7.52 12.97
N LEU A 675 -19.49 -6.28 12.61
CA LEU A 675 -20.57 -5.32 12.53
C LEU A 675 -21.17 -5.44 11.15
N GLU A 676 -22.47 -5.13 11.03
CA GLU A 676 -23.21 -5.14 9.75
C GLU A 676 -24.02 -3.85 9.76
N PHE A 677 -24.25 -3.21 8.61
CA PHE A 677 -24.79 -1.85 8.60
C PHE A 677 -25.91 -1.64 7.60
N LYS A 678 -26.94 -0.91 8.03
CA LYS A 678 -27.92 -0.38 7.10
C LYS A 678 -27.24 0.61 6.16
N CYS A 679 -27.81 0.76 4.96
CA CYS A 679 -27.28 1.65 3.94
C CYS A 679 -28.17 2.88 3.80
N ALA A 680 -27.56 4.05 4.01
CA ALA A 680 -28.28 5.33 4.01
C ALA A 680 -29.00 5.72 2.70
N ASP A 681 -28.68 5.03 1.60
CA ASP A 681 -29.19 5.39 0.27
C ASP A 681 -30.44 4.58 -0.13
N PRO A 682 -31.64 5.22 -0.07
CA PRO A 682 -32.90 4.54 -0.42
C PRO A 682 -32.87 3.86 -1.78
N THR A 683 -32.15 4.46 -2.73
CA THR A 683 -32.09 3.93 -4.09
C THR A 683 -31.27 2.65 -4.22
N ALA A 684 -30.63 2.19 -3.14
CA ALA A 684 -29.85 0.96 -3.22
C ALA A 684 -30.80 -0.17 -3.59
N LEU A 685 -30.61 -0.73 -4.78
CA LEU A 685 -31.51 -1.76 -5.31
C LEU A 685 -31.26 -3.13 -4.64
N SER A 686 -31.22 -3.12 -3.32
CA SER A 686 -31.16 -4.32 -2.50
C SER A 686 -31.24 -3.88 -1.05
N ASN A 687 -31.38 -4.87 -0.17
CA ASN A 687 -31.24 -4.61 1.26
C ASN A 687 -30.16 -5.52 1.83
N GLU A 688 -29.17 -5.82 0.99
CA GLU A 688 -27.94 -6.44 1.47
C GLU A 688 -27.23 -5.45 2.36
N THR A 689 -26.47 -6.00 3.28
CA THR A 689 -25.99 -5.26 4.40
C THR A 689 -24.54 -4.82 4.12
N ILE A 690 -24.06 -3.80 4.85
CA ILE A 690 -22.65 -3.36 4.74
C ILE A 690 -21.89 -3.93 5.92
N GLY A 691 -20.86 -4.73 5.64
CA GLY A 691 -20.26 -5.55 6.68
C GLY A 691 -18.84 -5.19 7.02
N ILE A 692 -18.65 -4.40 8.07
CA ILE A 692 -17.32 -4.05 8.55
C ILE A 692 -16.89 -4.95 9.73
N ILE A 693 -15.65 -5.42 9.70
CA ILE A 693 -14.99 -6.14 10.78
C ILE A 693 -13.96 -5.22 11.39
N PHE A 694 -14.23 -4.63 12.55
CA PHE A 694 -13.16 -3.93 13.26
C PHE A 694 -12.39 -4.93 14.06
N LYS A 695 -11.13 -4.63 14.33
CA LYS A 695 -10.24 -5.60 14.97
C LYS A 695 -8.99 -4.94 15.53
N HIS A 696 -8.58 -5.42 16.70
CA HIS A 696 -7.36 -5.01 17.34
C HIS A 696 -6.55 -6.28 17.51
N GLY A 697 -5.24 -6.22 17.33
CA GLY A 697 -4.40 -7.40 17.50
C GLY A 697 -3.26 -7.53 16.51
N ASP A 698 -3.60 -7.55 15.23
CA ASP A 698 -2.60 -7.69 14.14
C ASP A 698 -2.19 -6.33 13.54
N ASP A 699 -1.07 -6.34 12.87
CA ASP A 699 -0.59 -5.19 12.12
C ASP A 699 -1.21 -5.21 10.72
N LEU A 700 -2.29 -4.44 10.55
CA LEU A 700 -2.99 -4.33 9.24
C LEU A 700 -2.21 -3.60 8.13
N ARG A 701 -1.22 -2.79 8.47
CA ARG A 701 -0.30 -2.25 7.47
C ARG A 701 0.27 -3.37 6.58
N GLN A 702 0.34 -4.61 7.06
CA GLN A 702 0.93 -5.72 6.30
C GLN A 702 -0.14 -6.26 5.31
N ASP A 703 -1.38 -6.32 5.78
CA ASP A 703 -2.46 -6.74 4.91
C ASP A 703 -2.55 -5.79 3.72
N MET A 704 -2.81 -4.50 4.00
CA MET A 704 -2.90 -3.43 2.97
C MET A 704 -1.88 -3.60 1.86
N LEU A 705 -0.62 -3.68 2.30
CA LEU A 705 0.47 -3.85 1.40
C LEU A 705 0.23 -5.02 0.45
N ILE A 706 0.00 -6.22 1.04
CA ILE A 706 -0.23 -7.44 0.23
C ILE A 706 -1.46 -7.33 -0.67
N LEU A 707 -2.56 -6.82 -0.14
CA LEU A 707 -3.67 -6.52 -1.00
C LEU A 707 -3.21 -5.58 -2.15
N GLN A 708 -2.46 -4.51 -1.90
CA GLN A 708 -2.18 -3.59 -3.02
C GLN A 708 -1.59 -4.44 -4.12
N ILE A 709 -0.54 -5.17 -3.78
CA ILE A 709 0.16 -6.01 -4.73
C ILE A 709 -0.77 -6.90 -5.50
N LEU A 710 -1.78 -7.43 -4.83
CA LEU A 710 -2.65 -8.39 -5.50
C LEU A 710 -3.41 -7.66 -6.57
N ARG A 711 -4.03 -6.53 -6.23
CA ARG A 711 -4.62 -5.64 -7.22
C ARG A 711 -3.67 -5.38 -8.39
N ILE A 712 -2.41 -5.09 -8.09
CA ILE A 712 -1.45 -4.87 -9.17
C ILE A 712 -1.35 -6.16 -9.99
N MET A 713 -1.33 -7.29 -9.29
CA MET A 713 -1.24 -8.61 -9.95
C MET A 713 -2.41 -8.85 -10.91
N GLU A 714 -3.56 -8.27 -10.63
CA GLU A 714 -4.66 -8.45 -11.55
C GLU A 714 -4.41 -7.59 -12.78
N SER A 715 -4.34 -6.28 -12.56
CA SER A 715 -4.07 -5.30 -13.61
C SER A 715 -3.01 -5.82 -14.53
N ILE A 716 -2.03 -6.51 -13.98
CA ILE A 716 -1.06 -7.20 -14.81
C ILE A 716 -1.78 -8.21 -15.66
N TRP A 717 -2.30 -9.25 -15.01
CA TRP A 717 -3.20 -10.21 -15.68
C TRP A 717 -4.32 -9.61 -16.56
N GLU A 718 -4.63 -8.32 -16.43
CA GLU A 718 -5.52 -7.64 -17.38
C GLU A 718 -4.78 -7.36 -18.70
N THR A 719 -3.62 -6.71 -18.61
CA THR A 719 -2.81 -6.45 -19.80
C THR A 719 -2.76 -7.67 -20.75
N GLU A 720 -2.81 -8.89 -20.19
CA GLU A 720 -2.76 -10.11 -21.01
C GLU A 720 -4.11 -10.85 -21.03
N SER A 721 -5.18 -10.14 -20.73
CA SER A 721 -6.54 -10.70 -20.85
C SER A 721 -6.78 -12.00 -20.01
N LEU A 722 -6.29 -11.99 -18.78
CA LEU A 722 -6.55 -13.05 -17.83
C LEU A 722 -7.35 -12.46 -16.67
N ASP A 723 -8.46 -13.11 -16.29
CA ASP A 723 -9.22 -12.74 -15.09
C ASP A 723 -9.09 -13.93 -14.17
N LEU A 724 -8.28 -13.78 -13.12
CA LEU A 724 -8.00 -14.86 -12.15
C LEU A 724 -8.92 -14.76 -10.93
N CYS A 725 -9.80 -13.76 -10.94
CA CYS A 725 -10.90 -13.66 -9.99
C CYS A 725 -10.46 -13.51 -8.54
N LEU A 726 -9.34 -12.85 -8.30
CA LEU A 726 -8.91 -12.65 -6.91
C LEU A 726 -10.00 -11.90 -6.17
N LEU A 727 -9.98 -11.96 -4.85
CA LEU A 727 -10.78 -11.06 -4.02
C LEU A 727 -9.87 -10.28 -3.05
N PRO A 728 -9.38 -9.11 -3.48
CA PRO A 728 -8.62 -8.26 -2.61
C PRO A 728 -9.56 -7.33 -1.85
N TYR A 729 -10.05 -7.80 -0.71
CA TYR A 729 -11.10 -7.13 0.07
C TYR A 729 -10.63 -5.86 0.75
N GLY A 730 -11.57 -4.96 0.99
CA GLY A 730 -11.27 -3.74 1.76
C GLY A 730 -10.52 -3.96 3.08
N CYS A 731 -9.63 -3.02 3.41
CA CYS A 731 -8.85 -3.08 4.63
C CYS A 731 -8.15 -1.76 4.89
N ILE A 732 -8.51 -1.03 5.92
CA ILE A 732 -7.75 0.18 6.26
C ILE A 732 -7.19 0.05 7.67
N SER A 733 -5.89 0.27 7.81
CA SER A 733 -5.33 0.41 9.14
C SER A 733 -5.64 1.78 9.71
N THR A 734 -5.99 1.82 11.00
CA THR A 734 -6.38 3.07 11.68
C THR A 734 -5.62 3.37 12.99
N GLY A 735 -4.66 2.53 13.37
CA GLY A 735 -3.84 2.74 14.58
C GLY A 735 -2.98 1.50 14.92
N ASP A 736 -2.25 1.55 16.06
CA ASP A 736 -1.38 0.41 16.47
C ASP A 736 -2.23 -0.87 16.62
N LYS A 737 -1.94 -1.85 15.78
CA LYS A 737 -2.66 -3.12 15.72
C LYS A 737 -4.21 -3.02 15.68
N ILE A 738 -4.75 -2.05 14.94
CA ILE A 738 -6.20 -1.75 14.94
C ILE A 738 -6.73 -1.19 13.59
N GLY A 739 -7.77 -1.80 13.03
CA GLY A 739 -8.38 -1.30 11.82
C GLY A 739 -9.56 -2.11 11.37
N MET A 740 -10.04 -1.87 10.15
CA MET A 740 -11.25 -2.51 9.67
C MET A 740 -10.99 -3.37 8.46
N ILE A 741 -11.92 -4.31 8.18
CA ILE A 741 -11.84 -5.22 7.04
C ILE A 741 -13.19 -5.48 6.43
N GLU A 742 -13.35 -5.24 5.14
CA GLU A 742 -14.61 -5.52 4.44
C GLU A 742 -15.04 -6.97 4.60
N ILE A 743 -16.34 -7.21 4.77
CA ILE A 743 -16.86 -8.58 4.85
C ILE A 743 -17.31 -9.03 3.47
N VAL A 744 -16.61 -9.99 2.89
CA VAL A 744 -17.10 -10.54 1.65
C VAL A 744 -18.39 -11.25 1.93
N LYS A 745 -19.41 -10.89 1.17
CA LYS A 745 -20.72 -11.47 1.31
C LYS A 745 -20.71 -12.93 0.88
N ASP A 746 -21.72 -13.67 1.35
CA ASP A 746 -21.92 -15.09 1.05
C ASP A 746 -20.62 -15.92 1.06
N ALA A 747 -19.96 -15.97 2.21
CA ALA A 747 -18.61 -16.48 2.29
C ALA A 747 -18.44 -17.41 3.47
N THR A 748 -17.62 -18.45 3.32
CA THR A 748 -17.36 -19.38 4.43
C THR A 748 -15.95 -19.90 4.39
N THR A 749 -15.38 -20.02 5.59
CA THR A 749 -14.07 -20.60 5.77
C THR A 749 -14.08 -22.03 5.32
N ILE A 750 -12.96 -22.50 4.78
CA ILE A 750 -12.88 -23.91 4.43
C ILE A 750 -13.00 -24.74 5.70
N ALA A 751 -12.17 -24.43 6.70
CA ALA A 751 -12.23 -25.07 8.03
C ALA A 751 -13.65 -25.22 8.61
N LYS A 752 -14.49 -24.19 8.46
CA LYS A 752 -15.91 -24.29 8.84
C LYS A 752 -16.66 -25.32 7.96
N ILE A 753 -16.39 -25.31 6.65
CA ILE A 753 -16.96 -26.30 5.71
C ILE A 753 -16.50 -27.72 6.07
N GLN A 754 -15.30 -27.83 6.64
CA GLN A 754 -14.74 -29.11 7.08
C GLN A 754 -15.05 -29.40 8.55
N GLN A 755 -16.24 -29.04 9.00
CA GLN A 755 -16.68 -29.36 10.34
C GLN A 755 -18.09 -29.92 10.39
N SER A 756 -18.90 -29.57 9.38
CA SER A 756 -20.22 -30.15 9.09
C SER A 756 -20.58 -31.41 9.93
N THR A 757 -20.72 -32.57 9.27
CA THR A 757 -20.79 -33.89 9.95
C THR A 757 -19.39 -34.31 10.42
N VAL A 758 -18.34 -33.61 9.92
CA VAL A 758 -16.94 -34.05 10.07
C VAL A 758 -16.32 -33.83 11.46
N GLY A 759 -17.16 -33.47 12.45
CA GLY A 759 -16.74 -33.42 13.85
C GLY A 759 -15.74 -32.32 14.10
N ASN A 760 -14.85 -32.54 15.07
CA ASN A 760 -13.92 -31.50 15.57
C ASN A 760 -12.41 -31.89 15.47
N THR A 761 -11.82 -32.51 16.49
CA THR A 761 -10.39 -32.96 16.38
C THR A 761 -10.21 -33.95 15.22
N GLY A 762 -11.30 -34.65 14.89
CA GLY A 762 -11.38 -35.42 13.67
C GLY A 762 -11.48 -34.53 12.43
N ALA A 763 -10.67 -34.86 11.41
CA ALA A 763 -10.70 -34.24 10.08
C ALA A 763 -9.62 -34.96 9.29
N PHE A 764 -9.59 -34.90 7.95
CA PHE A 764 -10.53 -34.21 7.08
C PHE A 764 -11.02 -35.26 6.10
N LYS A 765 -11.91 -34.89 5.16
CA LYS A 765 -12.28 -35.79 4.04
C LYS A 765 -12.11 -35.13 2.65
N ASP A 766 -11.75 -35.93 1.65
CA ASP A 766 -11.41 -35.44 0.30
C ASP A 766 -12.54 -34.71 -0.44
N GLU A 767 -13.78 -35.10 -0.22
CA GLU A 767 -14.89 -34.33 -0.79
C GLU A 767 -15.45 -33.51 0.37
N VAL A 768 -16.68 -32.99 0.25
CA VAL A 768 -17.35 -32.15 1.27
C VAL A 768 -17.47 -30.71 0.78
N LEU A 769 -16.42 -30.21 0.13
CA LEU A 769 -16.49 -28.91 -0.53
C LEU A 769 -17.51 -28.93 -1.65
N ASN A 770 -17.39 -29.97 -2.48
CA ASN A 770 -18.19 -30.14 -3.67
C ASN A 770 -19.67 -30.22 -3.34
N HIS A 771 -19.97 -30.95 -2.27
CA HIS A 771 -21.35 -31.06 -1.80
C HIS A 771 -21.82 -29.69 -1.29
N TRP A 772 -20.96 -29.03 -0.51
CA TRP A 772 -21.22 -27.66 -0.03
C TRP A 772 -21.50 -26.71 -1.21
N LEU A 773 -20.73 -26.81 -2.28
CA LEU A 773 -21.02 -26.06 -3.51
C LEU A 773 -22.45 -26.33 -3.97
N LYS A 774 -22.77 -27.61 -4.17
CA LYS A 774 -24.11 -27.99 -4.60
C LYS A 774 -25.19 -27.63 -3.56
N GLU A 775 -24.94 -27.91 -2.28
CA GLU A 775 -25.81 -27.45 -1.15
C GLU A 775 -26.08 -25.93 -1.18
N LYS A 776 -25.38 -25.23 -2.07
CA LYS A 776 -25.55 -23.79 -2.27
C LYS A 776 -25.94 -23.38 -3.72
N SER A 777 -25.61 -24.19 -4.72
CA SER A 777 -26.01 -23.91 -6.13
C SER A 777 -27.51 -24.17 -6.41
N PRO A 778 -28.24 -23.15 -6.92
CA PRO A 778 -29.61 -23.36 -7.40
C PRO A 778 -29.72 -24.35 -8.56
N THR A 779 -29.21 -24.00 -9.73
CA THR A 779 -29.33 -24.82 -10.92
C THR A 779 -28.12 -25.75 -10.97
N GLU A 780 -27.93 -26.46 -12.09
CA GLU A 780 -26.73 -27.27 -12.30
C GLU A 780 -25.72 -26.57 -13.23
N GLU A 781 -26.20 -25.67 -14.09
CA GLU A 781 -25.31 -24.93 -14.98
C GLU A 781 -24.50 -23.92 -14.15
N LYS A 782 -25.19 -23.23 -13.23
CA LYS A 782 -24.55 -22.27 -12.33
C LYS A 782 -23.52 -23.02 -11.49
N PHE A 783 -23.90 -24.16 -10.93
CA PHE A 783 -22.91 -24.99 -10.26
C PHE A 783 -21.64 -25.18 -11.13
N GLN A 784 -21.79 -25.28 -12.44
CA GLN A 784 -20.63 -25.32 -13.35
C GLN A 784 -19.91 -23.97 -13.41
N ALA A 785 -20.69 -22.90 -13.35
CA ALA A 785 -20.15 -21.57 -13.13
C ALA A 785 -19.12 -21.68 -12.03
N ALA A 786 -19.60 -22.04 -10.83
CA ALA A 786 -18.77 -22.15 -9.64
C ALA A 786 -17.49 -22.98 -9.81
N VAL A 787 -17.56 -24.14 -10.46
CA VAL A 787 -16.39 -25.00 -10.56
C VAL A 787 -15.33 -24.38 -11.45
N GLU A 788 -15.77 -23.51 -12.36
CA GLU A 788 -14.88 -22.78 -13.25
C GLU A 788 -14.24 -21.64 -12.44
N ARG A 789 -15.12 -20.80 -11.89
CA ARG A 789 -14.77 -19.81 -10.89
C ARG A 789 -13.73 -20.36 -9.89
N PHE A 790 -14.00 -21.54 -9.33
CA PHE A 790 -13.09 -22.19 -8.42
C PHE A 790 -11.70 -22.53 -9.01
N VAL A 791 -11.67 -23.00 -10.25
CA VAL A 791 -10.44 -23.35 -10.94
C VAL A 791 -9.59 -22.10 -11.20
N TYR A 792 -10.30 -21.00 -11.48
CA TYR A 792 -9.67 -19.72 -11.74
C TYR A 792 -9.14 -19.10 -10.44
N SER A 793 -10.00 -19.04 -9.41
CA SER A 793 -9.62 -18.46 -8.12
C SER A 793 -8.46 -19.23 -7.54
N CYS A 794 -8.59 -20.55 -7.57
CA CYS A 794 -7.58 -21.40 -7.01
C CYS A 794 -6.25 -21.12 -7.70
N ALA A 795 -6.24 -20.99 -9.02
CA ALA A 795 -5.00 -20.72 -9.74
C ALA A 795 -4.48 -19.35 -9.36
N GLY A 796 -5.42 -18.39 -9.37
CA GLY A 796 -5.14 -17.03 -8.96
C GLY A 796 -4.37 -16.99 -7.66
N TYR A 797 -5.01 -17.44 -6.59
CA TYR A 797 -4.37 -17.39 -5.28
C TYR A 797 -3.12 -18.26 -5.08
N CYS A 798 -2.86 -19.23 -5.95
CA CYS A 798 -1.65 -20.03 -5.78
C CYS A 798 -0.46 -19.33 -6.41
N VAL A 799 -0.68 -18.80 -7.60
CA VAL A 799 0.38 -18.12 -8.28
C VAL A 799 0.80 -16.90 -7.45
N ALA A 800 -0.18 -16.09 -7.03
CA ALA A 800 0.12 -14.89 -6.22
C ALA A 800 0.83 -15.25 -4.91
N THR A 801 0.22 -16.13 -4.11
CA THR A 801 0.80 -16.47 -2.81
C THR A 801 2.19 -17.09 -2.95
N PHE A 802 2.36 -17.98 -3.93
CA PHE A 802 3.67 -18.53 -4.16
C PHE A 802 4.70 -17.43 -4.33
N VAL A 803 4.33 -16.39 -5.08
CA VAL A 803 5.25 -15.30 -5.43
C VAL A 803 5.51 -14.39 -4.24
N LEU A 804 4.46 -13.88 -3.65
CA LEU A 804 4.62 -13.07 -2.45
C LEU A 804 5.08 -13.91 -1.26
N GLY A 805 5.09 -15.23 -1.44
CA GLY A 805 5.76 -16.17 -0.54
C GLY A 805 4.98 -16.51 0.70
N ILE A 806 3.66 -16.48 0.63
CA ILE A 806 2.82 -16.68 1.80
C ILE A 806 1.78 -17.82 1.56
N GLY A 807 2.11 -18.75 0.68
CA GLY A 807 1.14 -19.78 0.26
C GLY A 807 0.76 -20.77 1.35
N ASP A 808 1.75 -21.17 2.14
CA ASP A 808 1.54 -22.12 3.21
C ASP A 808 0.68 -21.57 4.36
N ARG A 809 -0.62 -21.86 4.32
CA ARG A 809 -1.59 -21.30 5.28
C ARG A 809 -2.52 -22.35 5.90
N HIS A 810 -3.00 -22.13 7.12
CA HIS A 810 -4.00 -23.03 7.70
C HIS A 810 -5.36 -22.69 7.14
N ASN A 811 -6.15 -23.71 6.88
CA ASN A 811 -7.31 -23.52 6.04
C ASN A 811 -8.45 -22.74 6.63
N ASP A 812 -8.34 -22.24 7.85
CA ASP A 812 -9.35 -21.28 8.31
C ASP A 812 -8.92 -19.86 7.96
N ASN A 813 -7.71 -19.75 7.42
CA ASN A 813 -7.31 -18.54 6.76
C ASN A 813 -7.71 -18.52 5.29
N ILE A 814 -8.47 -19.51 4.82
CA ILE A 814 -8.85 -19.59 3.39
C ILE A 814 -10.34 -19.83 3.23
N MET A 815 -11.00 -18.96 2.46
CA MET A 815 -12.44 -19.02 2.32
C MET A 815 -12.84 -19.22 0.85
N ILE A 816 -14.12 -19.49 0.66
CA ILE A 816 -14.76 -19.54 -0.63
C ILE A 816 -16.10 -18.86 -0.54
N THR A 817 -16.53 -18.26 -1.65
CA THR A 817 -17.88 -17.72 -1.75
C THR A 817 -18.80 -18.82 -2.24
N GLU A 818 -20.09 -18.62 -2.02
CA GLU A 818 -21.09 -19.60 -2.44
C GLU A 818 -21.01 -19.84 -3.94
N THR A 819 -20.58 -18.85 -4.72
CA THR A 819 -20.45 -19.01 -6.17
C THR A 819 -19.06 -19.45 -6.64
N GLY A 820 -18.37 -20.25 -5.84
CA GLY A 820 -17.07 -20.82 -6.22
C GLY A 820 -15.77 -20.04 -6.00
N ASN A 821 -15.85 -18.74 -5.68
CA ASN A 821 -14.67 -17.85 -5.64
C ASN A 821 -13.79 -18.08 -4.38
N LEU A 822 -12.67 -18.76 -4.52
CA LEU A 822 -11.75 -18.99 -3.37
C LEU A 822 -10.94 -17.75 -3.10
N PHE A 823 -10.56 -17.50 -1.84
CA PHE A 823 -9.65 -16.39 -1.53
C PHE A 823 -9.04 -16.43 -0.12
N HIS A 824 -7.77 -16.04 -0.03
CA HIS A 824 -7.10 -15.94 1.26
C HIS A 824 -7.54 -14.75 2.05
N ILE A 825 -7.25 -14.80 3.34
CA ILE A 825 -7.55 -13.70 4.22
C ILE A 825 -6.50 -13.62 5.30
N ASP A 826 -6.61 -12.63 6.17
CA ASP A 826 -5.71 -12.42 7.29
C ASP A 826 -4.24 -12.66 7.00
N PHE A 827 -3.63 -11.80 6.20
CA PHE A 827 -2.22 -11.97 5.88
C PHE A 827 -1.41 -11.42 7.05
N GLY A 828 -2.13 -11.15 8.14
CA GLY A 828 -1.63 -11.20 9.52
C GLY A 828 -0.16 -10.89 9.82
N HIS A 829 0.79 -11.83 9.93
CA HIS A 829 0.79 -13.33 9.64
C HIS A 829 1.75 -13.78 8.43
N ILE A 830 1.82 -13.68 8.63
CA ILE A 830 2.96 -14.19 7.86
C ILE A 830 3.76 -13.07 7.18
N GLU A 843 7.53 -28.77 8.13
CA GLU A 843 7.28 -29.37 6.81
C GLU A 843 6.43 -28.47 5.91
N ARG A 844 7.10 -27.69 5.06
CA ARG A 844 6.48 -26.54 4.34
C ARG A 844 5.96 -26.90 2.94
N VAL A 845 4.88 -26.26 2.52
CA VAL A 845 4.27 -26.49 1.20
C VAL A 845 4.06 -25.14 0.47
N PRO A 846 4.31 -25.07 -0.86
CA PRO A 846 4.41 -23.76 -1.55
C PRO A 846 3.11 -22.97 -1.65
N PHE A 847 1.97 -23.66 -1.58
CA PHE A 847 0.64 -23.01 -1.49
C PHE A 847 -0.47 -24.00 -1.05
N VAL A 848 -1.70 -23.55 -0.90
CA VAL A 848 -2.74 -24.44 -0.43
C VAL A 848 -3.60 -24.92 -1.57
N LEU A 849 -3.20 -26.05 -2.15
CA LEU A 849 -4.07 -26.84 -3.04
C LEU A 849 -4.27 -28.24 -2.45
N THR A 850 -5.10 -28.38 -1.41
CA THR A 850 -5.33 -29.68 -0.75
C THR A 850 -6.38 -30.58 -1.45
N PRO A 851 -6.29 -31.93 -1.24
CA PRO A 851 -7.27 -32.91 -1.73
C PRO A 851 -8.68 -32.39 -1.95
N ASP A 852 -9.24 -31.69 -0.96
CA ASP A 852 -10.55 -31.06 -1.15
C ASP A 852 -10.61 -30.33 -2.50
N PHE A 853 -9.59 -29.52 -2.75
CA PHE A 853 -9.54 -28.68 -3.94
C PHE A 853 -9.39 -29.54 -5.17
N LEU A 854 -8.75 -30.69 -5.01
CA LEU A 854 -8.49 -31.59 -6.14
C LEU A 854 -9.72 -32.40 -6.51
N PHE A 855 -10.50 -32.78 -5.51
CA PHE A 855 -11.91 -33.07 -5.70
C PHE A 855 -12.47 -31.76 -6.26
N VAL A 856 -13.69 -31.75 -6.79
CA VAL A 856 -14.21 -30.54 -7.43
C VAL A 856 -13.52 -30.39 -8.78
N MET A 857 -12.20 -30.42 -8.78
CA MET A 857 -11.43 -30.54 -10.01
C MET A 857 -11.63 -31.94 -10.58
N GLY A 858 -11.82 -32.91 -9.69
CA GLY A 858 -12.03 -34.30 -10.08
C GLY A 858 -10.73 -34.95 -10.50
N THR A 859 -10.04 -35.57 -9.54
CA THR A 859 -8.83 -36.37 -9.80
C THR A 859 -8.38 -37.06 -8.51
N SER A 860 -9.13 -38.10 -8.09
CA SER A 860 -8.92 -38.82 -6.81
C SER A 860 -8.57 -40.32 -7.00
N GLY A 861 -7.33 -40.74 -6.71
CA GLY A 861 -6.33 -39.97 -5.94
C GLY A 861 -5.48 -38.97 -6.68
N LYS A 862 -4.68 -39.44 -7.65
CA LYS A 862 -3.77 -38.57 -8.39
C LYS A 862 -3.55 -39.06 -9.83
N LYS A 863 -4.49 -38.69 -10.70
CA LYS A 863 -4.38 -38.92 -12.13
C LYS A 863 -4.45 -37.57 -12.87
N THR A 864 -5.60 -37.25 -13.49
CA THR A 864 -5.81 -35.96 -14.18
C THR A 864 -7.27 -35.77 -14.70
N SER A 865 -7.63 -34.52 -15.04
CA SER A 865 -8.98 -34.21 -15.56
C SER A 865 -9.08 -32.82 -16.18
N PRO A 866 -10.05 -32.62 -17.09
CA PRO A 866 -10.20 -31.37 -17.86
C PRO A 866 -10.20 -30.07 -17.05
N HIS A 867 -10.53 -30.16 -15.76
CA HIS A 867 -10.50 -28.99 -14.88
C HIS A 867 -9.20 -28.87 -14.11
N PHE A 868 -8.56 -29.98 -13.80
CA PHE A 868 -7.18 -29.95 -13.29
C PHE A 868 -6.22 -29.65 -14.43
N GLN A 869 -6.61 -30.06 -15.65
CA GLN A 869 -5.88 -29.70 -16.88
C GLN A 869 -5.97 -28.19 -17.16
N LYS A 870 -7.19 -27.66 -17.09
CA LYS A 870 -7.41 -26.21 -17.24
C LYS A 870 -6.65 -25.42 -16.18
N PHE A 871 -6.81 -25.87 -14.93
CA PHE A 871 -6.13 -25.28 -13.79
C PHE A 871 -4.63 -25.19 -14.04
N GLN A 872 -4.06 -26.23 -14.61
CA GLN A 872 -2.63 -26.20 -14.91
C GLN A 872 -2.28 -25.16 -15.96
N ASP A 873 -3.15 -24.99 -16.96
CA ASP A 873 -2.88 -24.03 -18.07
C ASP A 873 -2.84 -22.61 -17.52
N ILE A 874 -3.95 -22.22 -16.89
CA ILE A 874 -4.12 -20.92 -16.24
C ILE A 874 -2.94 -20.57 -15.35
N CYS A 875 -2.66 -21.40 -14.36
CA CYS A 875 -1.52 -21.17 -13.44
C CYS A 875 -0.21 -20.82 -14.12
N VAL A 876 0.06 -21.47 -15.24
CA VAL A 876 1.30 -21.25 -15.97
C VAL A 876 1.18 -19.95 -16.75
N LYS A 877 0.03 -19.73 -17.37
CA LYS A 877 -0.25 -18.46 -17.96
C LYS A 877 -0.04 -17.30 -16.94
N ALA A 878 -0.70 -17.41 -15.79
CA ALA A 878 -0.65 -16.37 -14.78
C ALA A 878 0.77 -16.14 -14.27
N TYR A 879 1.41 -17.22 -13.87
CA TYR A 879 2.74 -17.13 -13.32
C TYR A 879 3.62 -16.46 -14.35
N LEU A 880 3.67 -17.02 -15.56
CA LEU A 880 4.51 -16.45 -16.64
C LEU A 880 4.10 -15.02 -17.04
N ALA A 881 2.80 -14.74 -17.03
CA ALA A 881 2.32 -13.37 -17.10
C ALA A 881 3.05 -12.54 -16.04
N LEU A 882 3.05 -13.02 -14.78
CA LEU A 882 3.72 -12.29 -13.68
C LEU A 882 5.20 -12.03 -14.00
N ARG A 883 5.86 -13.01 -14.62
CA ARG A 883 7.29 -12.89 -14.93
C ARG A 883 7.58 -11.85 -16.02
N HIS A 884 6.56 -11.42 -16.77
CA HIS A 884 6.74 -10.34 -17.71
C HIS A 884 6.75 -8.98 -16.97
N HIS A 885 6.98 -9.04 -15.66
CA HIS A 885 7.09 -7.85 -14.83
C HIS A 885 8.01 -8.06 -13.63
N THR A 886 8.92 -9.03 -13.76
CA THR A 886 9.81 -9.38 -12.65
C THR A 886 10.24 -8.13 -11.90
N ASN A 887 10.78 -7.16 -12.64
CA ASN A 887 11.34 -5.93 -12.05
C ASN A 887 10.37 -5.10 -11.21
N LEU A 888 9.15 -4.95 -11.70
CA LEU A 888 8.11 -4.27 -10.96
C LEU A 888 7.80 -4.96 -9.61
N LEU A 889 7.78 -6.29 -9.60
CA LEU A 889 7.33 -7.04 -8.44
C LEU A 889 8.41 -7.06 -7.41
N ILE A 890 9.62 -7.31 -7.85
CA ILE A 890 10.74 -7.28 -6.93
C ILE A 890 10.86 -5.92 -6.30
N ILE A 891 10.60 -4.85 -7.05
CA ILE A 891 10.74 -3.54 -6.45
C ILE A 891 9.62 -3.27 -5.44
N LEU A 892 8.41 -3.70 -5.74
CA LEU A 892 7.29 -3.53 -4.81
C LEU A 892 7.50 -4.38 -3.56
N PHE A 893 7.92 -5.61 -3.77
CA PHE A 893 8.12 -6.56 -2.69
C PHE A 893 9.23 -6.10 -1.76
N SER A 894 10.33 -5.64 -2.31
CA SER A 894 11.44 -5.16 -1.49
C SER A 894 11.00 -3.93 -0.70
N MET A 895 10.31 -3.03 -1.37
CA MET A 895 9.80 -1.87 -0.69
C MET A 895 8.83 -2.29 0.39
N MET A 896 8.00 -3.28 0.07
CA MET A 896 7.03 -3.84 1.04
C MET A 896 7.70 -4.22 2.32
N LEU A 897 8.70 -5.06 2.23
CA LEU A 897 9.43 -5.51 3.42
C LEU A 897 10.05 -4.35 4.22
N MET A 898 10.66 -3.39 3.55
CA MET A 898 11.38 -2.28 4.23
C MET A 898 10.49 -1.28 4.96
N THR A 899 9.31 -1.04 4.42
CA THR A 899 8.43 -0.02 4.96
C THR A 899 7.26 -0.62 5.73
N GLY A 900 7.22 -1.94 5.89
CA GLY A 900 6.09 -2.60 6.57
C GLY A 900 6.32 -3.90 7.36
N MET A 901 7.57 -4.41 7.38
CA MET A 901 7.92 -5.62 8.18
C MET A 901 8.81 -5.23 9.40
N PRO A 902 9.02 -6.20 10.33
CA PRO A 902 10.00 -6.09 11.44
C PRO A 902 11.36 -6.78 11.18
N GLN A 903 11.44 -8.10 11.43
CA GLN A 903 12.71 -8.85 11.31
C GLN A 903 12.98 -9.19 9.82
N LEU A 904 13.98 -8.49 9.26
CA LEU A 904 14.22 -8.43 7.80
C LEU A 904 15.71 -8.43 7.43
N THR A 905 15.98 -8.90 6.21
CA THR A 905 17.34 -9.08 5.69
C THR A 905 17.44 -8.62 4.24
N SER A 906 18.27 -7.59 3.99
CA SER A 906 18.54 -7.02 2.63
C SER A 906 19.06 -8.06 1.58
N LYS A 907 19.54 -9.20 2.06
CA LYS A 907 19.72 -10.36 1.21
C LYS A 907 18.53 -11.29 1.45
N GLU A 908 18.74 -12.34 2.25
CA GLU A 908 17.95 -13.56 2.11
C GLU A 908 16.43 -13.35 1.92
N ASP A 909 15.83 -12.46 2.70
CA ASP A 909 14.39 -12.27 2.65
C ASP A 909 13.89 -11.77 1.31
N ILE A 910 14.52 -10.70 0.79
CA ILE A 910 14.12 -10.14 -0.52
C ILE A 910 14.53 -11.08 -1.65
N GLU A 911 15.71 -11.67 -1.52
CA GLU A 911 16.19 -12.62 -2.49
C GLU A 911 15.25 -13.81 -2.67
N TYR A 912 14.24 -13.94 -1.81
CA TYR A 912 13.22 -14.97 -1.99
C TYR A 912 12.47 -14.77 -3.31
N ILE A 913 11.86 -13.60 -3.46
CA ILE A 913 10.94 -13.35 -4.59
C ILE A 913 11.64 -13.53 -5.95
N ARG A 914 12.93 -13.18 -6.05
CA ARG A 914 13.61 -13.40 -7.31
C ARG A 914 13.49 -14.89 -7.68
N ASP A 915 13.86 -15.76 -6.74
CA ASP A 915 13.86 -17.22 -6.96
C ASP A 915 12.49 -17.68 -7.32
N ALA A 916 11.54 -17.35 -6.44
CA ALA A 916 10.14 -17.69 -6.66
C ALA A 916 9.69 -17.31 -8.07
N LEU A 917 10.12 -16.14 -8.54
CA LEU A 917 9.83 -15.73 -9.90
C LEU A 917 10.70 -16.41 -10.93
N THR A 918 11.56 -17.32 -10.50
CA THR A 918 12.56 -17.92 -11.39
C THR A 918 13.20 -16.87 -12.29
N VAL A 919 13.88 -15.92 -11.67
CA VAL A 919 14.70 -14.98 -12.38
C VAL A 919 15.70 -15.78 -13.18
N GLY A 920 16.05 -15.31 -14.37
CA GLY A 920 17.10 -15.93 -15.17
C GLY A 920 16.58 -16.93 -16.19
N LYS A 921 15.84 -17.90 -15.70
CA LYS A 921 15.26 -18.97 -16.52
C LYS A 921 14.42 -18.52 -17.75
N ASN A 922 14.15 -19.50 -18.61
CA ASN A 922 13.34 -19.32 -19.81
C ASN A 922 11.94 -19.84 -19.51
N GLU A 923 11.07 -19.77 -20.51
CA GLU A 923 9.68 -20.07 -20.30
C GLU A 923 9.44 -21.55 -20.03
N GLU A 924 10.45 -22.40 -20.23
CA GLU A 924 10.28 -23.86 -20.02
C GLU A 924 10.77 -24.32 -18.65
N ASP A 925 12.03 -24.01 -18.33
CA ASP A 925 12.53 -24.19 -16.97
C ASP A 925 11.58 -23.59 -15.95
N ALA A 926 10.94 -22.47 -16.33
CA ALA A 926 9.88 -21.85 -15.52
C ALA A 926 8.67 -22.77 -15.35
N LYS A 927 7.89 -22.97 -16.42
CA LYS A 927 6.72 -23.88 -16.40
C LYS A 927 7.03 -25.20 -15.68
N LYS A 928 8.25 -25.70 -15.87
CA LYS A 928 8.74 -26.86 -15.14
C LYS A 928 8.57 -26.56 -13.66
N TYR A 929 9.29 -25.55 -13.18
CA TYR A 929 9.33 -25.17 -11.77
C TYR A 929 7.95 -25.18 -11.17
N PHE A 930 7.03 -24.48 -11.80
CA PHE A 930 5.77 -24.25 -11.14
C PHE A 930 4.92 -25.53 -11.09
N LEU A 931 4.91 -26.29 -12.18
CA LEU A 931 4.10 -27.52 -12.22
C LEU A 931 4.62 -28.56 -11.21
N ASP A 932 5.93 -28.55 -10.97
CA ASP A 932 6.51 -29.30 -9.85
C ASP A 932 5.92 -28.83 -8.54
N GLN A 933 5.90 -27.50 -8.35
CA GLN A 933 5.29 -26.87 -7.18
C GLN A 933 3.94 -27.47 -6.95
N ILE A 934 3.11 -27.43 -7.98
CA ILE A 934 1.79 -28.06 -7.96
C ILE A 934 1.87 -29.48 -7.43
N GLU A 935 2.86 -30.23 -7.91
CA GLU A 935 3.02 -31.63 -7.54
C GLU A 935 3.57 -31.81 -6.15
N VAL A 936 4.59 -31.02 -5.79
CA VAL A 936 5.15 -31.11 -4.44
C VAL A 936 3.99 -31.11 -3.47
N CYS A 937 3.03 -30.21 -3.71
CA CYS A 937 1.82 -30.12 -2.91
C CYS A 937 1.05 -31.44 -2.88
N ARG A 938 0.95 -32.09 -4.03
CA ARG A 938 0.05 -33.23 -4.16
C ARG A 938 0.40 -34.46 -3.34
N ASP A 939 1.68 -34.73 -3.09
CA ASP A 939 2.07 -36.01 -2.46
C ASP A 939 1.16 -36.53 -1.31
N LYS A 940 1.13 -36.00 -0.06
CA LYS A 940 1.48 -34.67 0.54
C LYS A 940 0.16 -34.05 1.03
N GLY A 941 -0.83 -34.05 0.16
CA GLY A 941 -2.23 -33.70 0.49
C GLY A 941 -2.53 -32.96 1.78
N TRP A 942 -2.96 -33.68 2.80
CA TRP A 942 -3.40 -33.06 4.04
C TRP A 942 -2.29 -32.97 5.08
N THR A 943 -1.10 -33.48 4.77
CA THR A 943 0.02 -33.47 5.71
C THR A 943 0.04 -32.18 6.52
N VAL A 944 0.24 -31.04 5.83
CA VAL A 944 0.41 -29.74 6.50
C VAL A 944 -0.91 -29.16 7.00
N GLN A 945 -2.03 -29.69 6.52
CA GLN A 945 -3.31 -29.27 7.06
C GLN A 945 -3.50 -29.87 8.45
N PHE A 946 -3.54 -31.20 8.52
CA PHE A 946 -3.62 -31.94 9.80
C PHE A 946 -2.51 -31.49 10.79
N ASN A 947 -1.38 -31.04 10.25
CA ASN A 947 -0.27 -30.54 11.08
C ASN A 947 -0.55 -29.28 11.89
N TRP A 948 -1.77 -28.75 11.83
CA TRP A 948 -2.22 -27.74 12.81
C TRP A 948 -1.78 -28.10 14.26
N PHE A 949 -1.87 -29.39 14.61
CA PHE A 949 -1.40 -29.87 15.92
C PHE A 949 -1.70 -31.36 16.06
S SO4 B . -11.15 -1.48 -26.68
O1 SO4 B . -12.21 -1.49 -27.69
O2 SO4 B . -9.97 -0.83 -27.24
O3 SO4 B . -11.61 -0.74 -25.50
O4 SO4 B . -10.78 -2.86 -26.34
C13 EM7 C . -15.77 -16.05 8.98
N7 EM7 C . -15.13 -14.96 8.23
C12 EM7 C . -15.85 -14.32 7.30
O1 EM7 C . -17.03 -14.58 7.07
C5 EM7 C . -15.13 -13.17 6.54
N6 EM7 C . -13.89 -12.86 6.96
C4 EM7 C . -15.67 -12.41 5.49
N8 EM7 C . -16.89 -12.66 5.03
N5 EM7 C . -14.96 -11.43 4.90
C3 EM7 C . -13.75 -11.15 5.33
C2 EM7 C . -13.19 -11.88 6.38
C7 EM7 C . -11.92 -11.65 6.90
C8 EM7 C . -11.66 -12.02 8.22
C6 EM7 C . -10.90 -11.04 6.19
C11 EM7 C . -9.65 -10.82 6.79
C10 EM7 C . -9.40 -11.20 8.11
C9 EM7 C . -10.42 -11.81 8.82
C1 EM7 C . -10.23 -12.23 10.14
N2 EM7 C . -10.02 -11.49 11.22
N3 EM7 C . -9.93 -12.28 12.17
N4 EM7 C . -10.06 -13.46 11.80
N1 EM7 C . -10.25 -13.48 10.58
#